data_4MWB
#
_entry.id   4MWB
#
_cell.length_a   88.138
_cell.length_b   106.171
_cell.length_c   206.975
_cell.angle_alpha   90.000
_cell.angle_beta   90.000
_cell.angle_gamma   90.000
#
_symmetry.space_group_name_H-M   'P 21 21 21'
#
loop_
_entity.id
_entity.type
_entity.pdbx_description
1 polymer 'Methionyl-tRNA synthetase'
2 non-polymer GLYCEROL
3 non-polymer 'DIMETHYL SULFOXIDE'
4 non-polymer METHIONINE
5 non-polymer 'SULFATE ION'
6 non-polymer 1-(3-{[(2,5-dichlorothiophen-3-yl)methyl]amino}propyl)-3-thiophen-3-ylurea
7 water water
#
_entity_poly.entity_id   1
_entity_poly.type   'polypeptide(L)'
_entity_poly.pdbx_seq_one_letter_code
;GPGSMKVEKVFFVTSPIYYVNAAPHIGHVYSTLITDVIGRYHRVKGERVFALTGTDEHGQKVAEAAKQKQVSPYDFTTAV
AGEFKK(CAS)FEQMDYSIDYFIRTTNEQHKAVVKELWTKLEQKGDIYLGRYEGWYSISDESFLTPQNITDGVDKDGNPC
KVSLESGHVVTWVSEENYMFRLSAFRERLLEWYHANPGCIVPEFRRREVIRAVEKGLPDLSVSRARATLHNWAIPVPGNP
DH(CAS)VYVWLDALTNYLTGSRLRVDESGKEVSLVDDFNELERFPADVHVIGKDILKFHAIYWPAFLLSAGLPLPKKIV
AHGWWTKDRKKISKSLGNVFDPVEKAEEFGYDALKYFLLRESGFSDDGDYSDKNMIARLNGELADTLGNLVMRCTSAKIN
VNGEWPSPAAYTEEDESLIQLIKDLPGTADHYYLIPDIQKAIIAVFDVLRAINAYVTDMAPWKLVKTDPERLRTVLYITL
EGVRVTTLLLSPILPRKSVVIFDMLGVPEVHRKGIENFEFGAVPPGTRLGPAVEGEVLFSKRSTENTKST
;
_entity_poly.pdbx_strand_id   A,B
#
loop_
_chem_comp.id
_chem_comp.type
_chem_comp.name
_chem_comp.formula
2EK non-polymer 1-(3-{[(2,5-dichlorothiophen-3-yl)methyl]amino}propyl)-3-thiophen-3-ylurea 'C13 H15 Cl2 N3 O S2'
DMS non-polymer 'DIMETHYL SULFOXIDE' 'C2 H6 O S'
GOL non-polymer GLYCEROL 'C3 H8 O3'
SO4 non-polymer 'SULFATE ION' 'O4 S -2'
#
# COMPACT_ATOMS: atom_id res chain seq x y z
N VAL A 7 -23.03 -9.53 -21.22
CA VAL A 7 -24.45 -9.57 -20.75
C VAL A 7 -24.70 -8.46 -19.71
N GLU A 8 -25.62 -7.56 -20.06
CA GLU A 8 -26.12 -6.56 -19.12
C GLU A 8 -27.42 -7.09 -18.49
N LYS A 9 -27.42 -7.17 -17.17
CA LYS A 9 -28.47 -7.84 -16.42
C LYS A 9 -28.50 -7.21 -15.03
N VAL A 10 -29.45 -7.60 -14.20
CA VAL A 10 -29.49 -7.11 -12.83
C VAL A 10 -28.45 -7.88 -12.03
N PHE A 11 -27.56 -7.18 -11.34
CA PHE A 11 -26.61 -7.86 -10.46
C PHE A 11 -27.39 -8.51 -9.30
N PHE A 12 -27.28 -9.83 -9.18
CA PHE A 12 -28.10 -10.61 -8.24
C PHE A 12 -27.18 -11.18 -7.17
N VAL A 13 -27.34 -10.68 -5.94
CA VAL A 13 -26.57 -11.16 -4.81
C VAL A 13 -27.51 -11.68 -3.70
N THR A 14 -27.11 -12.77 -3.04
CA THR A 14 -27.96 -13.43 -2.04
C THR A 14 -27.21 -13.72 -0.75
N SER A 15 -27.98 -13.87 0.32
CA SER A 15 -27.50 -14.47 1.56
C SER A 15 -28.16 -15.84 1.68
N PRO A 16 -27.71 -16.67 2.63
CA PRO A 16 -28.48 -17.86 2.92
C PRO A 16 -29.86 -17.46 3.42
N ILE A 17 -30.82 -18.37 3.35
CA ILE A 17 -32.08 -18.18 4.05
C ILE A 17 -31.94 -18.98 5.34
N TYR A 18 -32.18 -18.33 6.48
CA TYR A 18 -31.82 -18.87 7.80
C TYR A 18 -32.94 -19.70 8.44
N TYR A 19 -32.57 -20.80 9.11
CA TYR A 19 -33.53 -21.60 9.86
C TYR A 19 -34.17 -20.74 10.93
N VAL A 20 -35.47 -20.93 11.16
CA VAL A 20 -36.19 -20.14 12.16
C VAL A 20 -36.50 -20.94 13.42
N ASN A 21 -35.56 -21.80 13.82
CA ASN A 21 -35.67 -22.58 15.06
C ASN A 21 -35.36 -21.79 16.34
N ALA A 22 -34.67 -20.66 16.18
CA ALA A 22 -34.23 -19.82 17.29
C ALA A 22 -34.11 -18.38 16.82
N ALA A 23 -33.89 -17.48 17.76
CA ALA A 23 -33.87 -16.05 17.46
C ALA A 23 -32.64 -15.73 16.62
N PRO A 24 -32.71 -14.65 15.84
CA PRO A 24 -31.56 -14.26 15.03
C PRO A 24 -30.39 -13.83 15.91
N HIS A 25 -29.18 -14.10 15.43
CA HIS A 25 -27.96 -13.77 16.13
C HIS A 25 -26.87 -13.28 15.15
N ILE A 26 -25.67 -13.04 15.68
CA ILE A 26 -24.56 -12.43 14.94
C ILE A 26 -24.18 -13.12 13.61
N GLY A 27 -24.22 -14.45 13.57
CA GLY A 27 -23.93 -15.16 12.32
C GLY A 27 -24.84 -14.74 11.18
N HIS A 28 -26.12 -14.58 11.49
CA HIS A 28 -27.12 -14.18 10.50
C HIS A 28 -26.90 -12.75 10.06
N VAL A 29 -26.70 -11.88 11.04
CA VAL A 29 -26.40 -10.47 10.79
C VAL A 29 -25.16 -10.32 9.89
N TYR A 30 -24.14 -11.13 10.17
CA TYR A 30 -22.86 -11.05 9.44
C TYR A 30 -23.03 -11.45 7.98
N SER A 31 -23.68 -12.59 7.77
CA SER A 31 -23.90 -13.08 6.42
C SER A 31 -24.70 -12.07 5.60
N THR A 32 -25.78 -11.57 6.17
CA THR A 32 -26.63 -10.63 5.45
C THR A 32 -25.89 -9.30 5.25
N LEU A 33 -24.99 -8.96 6.15
CA LEU A 33 -24.15 -7.76 5.99
C LEU A 33 -23.28 -7.82 4.73
N ILE A 34 -22.58 -8.93 4.57
CA ILE A 34 -21.74 -9.18 3.40
C ILE A 34 -22.58 -9.05 2.12
N THR A 35 -23.76 -9.65 2.13
CA THR A 35 -24.66 -9.55 0.99
C THR A 35 -25.00 -8.09 0.72
N ASP A 36 -25.32 -7.38 1.79
CA ASP A 36 -25.71 -5.97 1.69
C ASP A 36 -24.59 -5.06 1.14
N VAL A 37 -23.38 -5.29 1.62
CA VAL A 37 -22.23 -4.50 1.19
C VAL A 37 -21.94 -4.69 -0.30
N ILE A 38 -21.92 -5.95 -0.75
CA ILE A 38 -21.72 -6.24 -2.16
C ILE A 38 -22.81 -5.54 -3.01
N GLY A 39 -24.06 -5.65 -2.60
CA GLY A 39 -25.15 -4.99 -3.32
C GLY A 39 -25.00 -3.48 -3.36
N ARG A 40 -24.59 -2.90 -2.24
CA ARG A 40 -24.43 -1.46 -2.14
C ARG A 40 -23.32 -0.96 -3.06
N TYR A 41 -22.20 -1.68 -3.09
CA TYR A 41 -21.10 -1.31 -3.97
C TYR A 41 -21.53 -1.32 -5.44
N HIS A 42 -22.23 -2.36 -5.87
CA HIS A 42 -22.71 -2.38 -7.25
C HIS A 42 -23.74 -1.26 -7.54
N ARG A 43 -24.50 -0.83 -6.55
CA ARG A 43 -25.39 0.33 -6.71
C ARG A 43 -24.59 1.63 -6.82
N VAL A 44 -23.48 1.79 -6.08
CA VAL A 44 -22.69 3.02 -6.23
C VAL A 44 -22.01 3.09 -7.60
N LYS A 45 -21.65 1.94 -8.16
CA LYS A 45 -21.18 1.84 -9.55
C LYS A 45 -22.26 2.16 -10.58
N GLY A 46 -23.50 2.33 -10.14
CA GLY A 46 -24.60 2.71 -11.02
C GLY A 46 -25.31 1.53 -11.68
N GLU A 47 -25.09 0.31 -11.16
CA GLU A 47 -25.71 -0.89 -11.73
C GLU A 47 -27.09 -1.16 -11.12
N ARG A 48 -27.89 -1.93 -11.83
CA ARG A 48 -29.12 -2.47 -11.26
C ARG A 48 -28.76 -3.61 -10.32
N VAL A 49 -29.35 -3.61 -9.13
CA VAL A 49 -29.06 -4.62 -8.13
C VAL A 49 -30.37 -5.19 -7.56
N PHE A 50 -30.36 -6.51 -7.34
CA PHE A 50 -31.37 -7.18 -6.55
C PHE A 50 -30.65 -8.00 -5.48
N ALA A 51 -30.81 -7.59 -4.23
CA ALA A 51 -30.19 -8.27 -3.09
C ALA A 51 -31.27 -9.02 -2.31
N LEU A 52 -31.03 -10.28 -2.01
CA LEU A 52 -32.03 -11.18 -1.45
C LEU A 52 -31.58 -11.78 -0.13
N THR A 53 -32.50 -11.83 0.84
CA THR A 53 -32.28 -12.58 2.08
C THR A 53 -33.59 -13.24 2.51
N GLY A 54 -33.58 -13.96 3.63
CA GLY A 54 -34.80 -14.60 4.08
C GLY A 54 -34.66 -15.73 5.07
N THR A 55 -35.72 -16.53 5.16
CA THR A 55 -35.81 -17.56 6.19
C THR A 55 -36.24 -18.90 5.61
N ASP A 56 -35.68 -19.95 6.19
CA ASP A 56 -35.82 -21.34 5.76
C ASP A 56 -36.73 -21.95 6.84
N GLU A 57 -37.99 -22.22 6.49
CA GLU A 57 -39.02 -22.41 7.49
C GLU A 57 -39.63 -23.82 7.60
N HIS A 58 -39.37 -24.69 6.63
CA HIS A 58 -39.84 -26.07 6.69
C HIS A 58 -38.83 -27.01 7.36
N GLY A 59 -39.23 -28.28 7.49
CA GLY A 59 -38.34 -29.34 7.93
C GLY A 59 -38.50 -29.78 9.36
N GLN A 60 -37.84 -30.90 9.67
CA GLN A 60 -37.86 -31.52 10.97
C GLN A 60 -37.24 -30.63 12.07
N LYS A 61 -36.11 -30.01 11.75
CA LYS A 61 -35.43 -29.10 12.69
C LYS A 61 -36.39 -28.03 13.18
N VAL A 62 -36.94 -27.28 12.24
CA VAL A 62 -37.87 -26.20 12.60
C VAL A 62 -39.12 -26.74 13.28
N ALA A 63 -39.68 -27.81 12.74
CA ALA A 63 -40.92 -28.37 13.29
C ALA A 63 -40.74 -28.84 14.72
N GLU A 64 -39.58 -29.44 15.02
CA GLU A 64 -39.33 -29.91 16.38
C GLU A 64 -39.01 -28.76 17.33
N ALA A 65 -38.45 -27.68 16.82
CA ALA A 65 -38.26 -26.51 17.67
C ALA A 65 -39.61 -25.89 18.03
N ALA A 66 -40.57 -25.96 17.12
CA ALA A 66 -41.94 -25.47 17.39
C ALA A 66 -42.64 -26.31 18.45
N LYS A 67 -42.51 -27.64 18.36
CA LYS A 67 -43.10 -28.54 19.33
C LYS A 67 -42.50 -28.33 20.73
N GLN A 68 -41.18 -28.18 20.81
CA GLN A 68 -40.49 -27.84 22.06
C GLN A 68 -41.15 -26.65 22.75
N LYS A 69 -41.42 -25.61 21.97
CA LYS A 69 -42.07 -24.39 22.48
C LYS A 69 -43.59 -24.55 22.63
N GLN A 70 -44.12 -25.71 22.28
CA GLN A 70 -45.54 -26.00 22.43
C GLN A 70 -46.43 -24.99 21.70
N VAL A 71 -46.13 -24.78 20.42
CA VAL A 71 -46.98 -23.94 19.58
C VAL A 71 -46.94 -24.49 18.14
N SER A 72 -47.93 -24.12 17.34
CA SER A 72 -48.01 -24.62 15.97
C SER A 72 -46.86 -24.09 15.11
N PRO A 73 -46.40 -24.91 14.15
CA PRO A 73 -45.35 -24.48 13.24
C PRO A 73 -45.68 -23.17 12.51
N TYR A 74 -46.95 -22.97 12.14
CA TYR A 74 -47.38 -21.76 11.43
C TYR A 74 -47.15 -20.54 12.32
N ASP A 75 -47.64 -20.61 13.55
CA ASP A 75 -47.49 -19.49 14.49
C ASP A 75 -46.03 -19.28 14.89
N PHE A 76 -45.29 -20.39 15.07
CA PHE A 76 -43.88 -20.32 15.43
C PHE A 76 -43.03 -19.66 14.35
N THR A 77 -43.13 -20.15 13.12
CA THR A 77 -42.32 -19.65 12.02
C THR A 77 -42.62 -18.19 11.69
N THR A 78 -43.90 -17.83 11.71
CA THR A 78 -44.32 -16.44 11.50
C THR A 78 -43.73 -15.51 12.56
N ALA A 79 -43.76 -15.93 13.82
CA ALA A 79 -43.20 -15.15 14.92
C ALA A 79 -41.69 -14.98 14.74
N VAL A 80 -40.97 -16.07 14.55
CA VAL A 80 -39.51 -16.00 14.47
C VAL A 80 -39.06 -15.28 13.20
N ALA A 81 -39.77 -15.46 12.09
CA ALA A 81 -39.46 -14.73 10.88
C ALA A 81 -39.65 -13.23 11.08
N GLY A 82 -40.64 -12.86 11.88
CA GLY A 82 -40.84 -11.49 12.32
C GLY A 82 -39.64 -10.94 13.08
N GLU A 83 -39.05 -11.78 13.94
CA GLU A 83 -37.84 -11.38 14.67
C GLU A 83 -36.66 -11.14 13.72
N PHE A 84 -36.50 -11.98 12.71
CA PHE A 84 -35.46 -11.77 11.71
C PHE A 84 -35.68 -10.47 10.93
N LYS A 85 -36.90 -10.24 10.45
CA LYS A 85 -37.22 -8.98 9.75
C LYS A 85 -36.89 -7.76 10.60
N LYS A 86 -37.36 -7.78 11.85
CA LYS A 86 -37.09 -6.69 12.78
C LYS A 86 -35.59 -6.45 12.99
N CAS A 87 -34.86 -7.54 13.20
CA CAS A 87 -33.40 -7.48 13.37
CB CAS A 87 -32.86 -8.89 13.63
C CAS A 87 -32.74 -6.85 12.16
O CAS A 87 -31.92 -5.95 12.30
SG CAS A 87 -31.09 -8.97 13.74
AS CAS A 87 -30.74 -8.63 15.93
CE1 CAS A 87 -29.73 -10.16 16.68
CE2 CAS A 87 -32.45 -8.41 16.94
N PHE A 88 -33.11 -7.31 10.97
CA PHE A 88 -32.49 -6.78 9.75
C PHE A 88 -32.89 -5.32 9.47
N GLU A 89 -34.10 -4.91 9.86
CA GLU A 89 -34.49 -3.51 9.74
C GLU A 89 -33.65 -2.67 10.70
N GLN A 90 -33.47 -3.15 11.92
CA GLN A 90 -32.68 -2.44 12.89
C GLN A 90 -31.20 -2.29 12.45
N MET A 91 -30.69 -3.28 11.70
CA MET A 91 -29.30 -3.23 11.24
C MET A 91 -29.11 -2.26 10.07
N ASP A 92 -30.20 -1.80 9.48
CA ASP A 92 -30.13 -0.73 8.48
C ASP A 92 -29.42 -1.21 7.20
N TYR A 93 -29.90 -2.33 6.68
CA TYR A 93 -29.46 -2.84 5.40
C TYR A 93 -30.26 -2.23 4.27
N SER A 94 -29.85 -2.49 3.04
CA SER A 94 -30.60 -2.13 1.86
C SER A 94 -30.88 -3.39 1.03
N ILE A 95 -31.59 -4.33 1.64
CA ILE A 95 -31.96 -5.58 1.00
C ILE A 95 -33.25 -5.37 0.22
N ASP A 96 -33.31 -5.87 -1.00
CA ASP A 96 -34.47 -5.62 -1.87
C ASP A 96 -35.67 -6.51 -1.58
N TYR A 97 -35.43 -7.71 -1.06
CA TYR A 97 -36.53 -8.61 -0.73
C TYR A 97 -36.17 -9.64 0.34
N PHE A 98 -37.16 -9.97 1.16
CA PHE A 98 -37.04 -10.93 2.24
C PHE A 98 -37.98 -12.10 1.91
N ILE A 99 -37.42 -13.24 1.52
CA ILE A 99 -38.22 -14.38 1.10
C ILE A 99 -38.42 -15.38 2.26
N ARG A 100 -39.60 -15.95 2.31
CA ARG A 100 -39.96 -16.98 3.28
C ARG A 100 -40.35 -18.22 2.52
N THR A 101 -39.81 -19.38 2.89
CA THR A 101 -40.10 -20.60 2.14
C THR A 101 -41.53 -21.12 2.31
N THR A 102 -42.26 -20.60 3.31
CA THR A 102 -43.69 -20.86 3.43
C THR A 102 -44.51 -20.09 2.40
N ASN A 103 -43.89 -19.15 1.71
CA ASN A 103 -44.59 -18.38 0.68
C ASN A 103 -45.16 -19.30 -0.37
N GLU A 104 -46.42 -19.07 -0.72
CA GLU A 104 -47.14 -19.92 -1.65
C GLU A 104 -46.51 -19.90 -3.07
N GLN A 105 -45.94 -18.78 -3.49
CA GLN A 105 -45.26 -18.72 -4.80
C GLN A 105 -43.95 -19.51 -4.81
N HIS A 106 -43.22 -19.48 -3.70
CA HIS A 106 -42.01 -20.29 -3.59
C HIS A 106 -42.32 -21.79 -3.74
N LYS A 107 -43.42 -22.22 -3.14
CA LYS A 107 -43.85 -23.61 -3.23
C LYS A 107 -44.17 -24.04 -4.65
N ALA A 108 -44.80 -23.17 -5.43
CA ALA A 108 -45.04 -23.45 -6.84
C ALA A 108 -43.75 -23.66 -7.62
N VAL A 109 -42.75 -22.83 -7.33
CA VAL A 109 -41.44 -22.93 -7.98
C VAL A 109 -40.73 -24.23 -7.60
N VAL A 110 -40.77 -24.59 -6.32
CA VAL A 110 -40.22 -25.86 -5.87
C VAL A 110 -40.85 -27.04 -6.62
N LYS A 111 -42.16 -27.05 -6.75
CA LYS A 111 -42.84 -28.15 -7.48
C LYS A 111 -42.46 -28.17 -8.97
N GLU A 112 -42.28 -26.99 -9.56
CA GLU A 112 -41.80 -26.85 -10.93
C GLU A 112 -40.44 -27.47 -11.10
N LEU A 113 -39.49 -27.06 -10.27
CA LEU A 113 -38.13 -27.58 -10.34
C LEU A 113 -38.14 -29.10 -10.15
N TRP A 114 -38.84 -29.58 -9.13
CA TRP A 114 -38.94 -31.03 -8.91
C TRP A 114 -39.36 -31.76 -10.18
N THR A 115 -40.42 -31.24 -10.80
CA THR A 115 -41.01 -31.87 -11.97
C THR A 115 -39.99 -31.87 -13.12
N LYS A 116 -39.23 -30.78 -13.27
CA LYS A 116 -38.15 -30.75 -14.27
C LYS A 116 -37.13 -31.85 -13.99
N LEU A 117 -36.66 -31.94 -12.75
CA LEU A 117 -35.65 -32.94 -12.41
C LEU A 117 -36.20 -34.32 -12.74
N GLU A 118 -37.45 -34.57 -12.34
CA GLU A 118 -38.11 -35.84 -12.60
C GLU A 118 -38.22 -36.13 -14.10
N GLN A 119 -38.75 -35.19 -14.87
CA GLN A 119 -38.90 -35.40 -16.33
C GLN A 119 -37.58 -35.60 -17.05
N LYS A 120 -36.51 -35.06 -16.50
CA LYS A 120 -35.17 -35.23 -17.03
C LYS A 120 -34.64 -36.65 -16.75
N GLY A 121 -35.34 -37.41 -15.92
CA GLY A 121 -34.93 -38.78 -15.60
C GLY A 121 -33.96 -38.87 -14.44
N ASP A 122 -33.80 -37.80 -13.66
CA ASP A 122 -32.80 -37.75 -12.59
C ASP A 122 -33.34 -37.98 -11.17
N ILE A 123 -34.57 -38.44 -11.06
CA ILE A 123 -35.16 -38.80 -9.77
C ILE A 123 -35.79 -40.17 -9.82
N TYR A 124 -35.40 -41.06 -8.92
CA TYR A 124 -35.97 -42.41 -8.86
C TYR A 124 -36.29 -42.74 -7.42
N LEU A 125 -37.13 -43.75 -7.23
CA LEU A 125 -37.50 -44.20 -5.90
C LEU A 125 -36.44 -45.15 -5.41
N GLY A 126 -35.83 -44.84 -4.27
CA GLY A 126 -34.79 -45.67 -3.68
C GLY A 126 -34.88 -45.73 -2.16
N ARG A 127 -33.73 -45.93 -1.52
CA ARG A 127 -33.63 -45.94 -0.05
C ARG A 127 -32.40 -45.18 0.42
N TYR A 128 -32.54 -44.46 1.51
CA TYR A 128 -31.39 -44.01 2.26
C TYR A 128 -31.34 -44.82 3.55
N GLU A 129 -30.21 -45.46 3.78
CA GLU A 129 -29.92 -46.12 5.05
C GLU A 129 -28.58 -45.55 5.51
N GLY A 130 -28.61 -44.70 6.51
CA GLY A 130 -27.39 -44.01 6.90
C GLY A 130 -27.60 -42.96 7.97
N TRP A 131 -26.54 -42.24 8.28
CA TRP A 131 -26.58 -41.23 9.32
C TRP A 131 -27.18 -39.94 8.81
N TYR A 132 -27.78 -39.19 9.72
CA TYR A 132 -28.38 -37.91 9.41
C TYR A 132 -28.30 -37.00 10.61
N SER A 133 -27.86 -35.77 10.39
CA SER A 133 -27.89 -34.73 11.42
C SER A 133 -29.11 -33.88 11.23
N ILE A 134 -30.05 -33.96 12.18
CA ILE A 134 -31.28 -33.19 12.09
C ILE A 134 -30.98 -31.69 12.18
N SER A 135 -30.03 -31.33 13.04
CA SER A 135 -29.69 -29.93 13.26
C SER A 135 -29.08 -29.26 12.03
N ASP A 136 -28.33 -30.01 11.24
CA ASP A 136 -27.77 -29.51 9.99
C ASP A 136 -28.61 -29.87 8.77
N GLU A 137 -29.69 -30.63 9.00
CA GLU A 137 -30.50 -31.25 7.94
C GLU A 137 -29.61 -31.88 6.86
N SER A 138 -28.64 -32.69 7.31
CA SER A 138 -27.55 -33.14 6.45
C SER A 138 -27.31 -34.64 6.53
N PHE A 139 -27.12 -35.25 5.37
CA PHE A 139 -26.77 -36.66 5.28
C PHE A 139 -25.29 -36.82 5.47
N LEU A 140 -24.90 -37.78 6.29
CA LEU A 140 -23.49 -38.00 6.62
C LEU A 140 -23.07 -39.46 6.46
N THR A 141 -21.85 -39.68 5.98
CA THR A 141 -21.26 -41.01 5.90
C THR A 141 -20.62 -41.37 7.24
N PRO A 142 -20.36 -42.66 7.49
CA PRO A 142 -19.76 -43.03 8.77
C PRO A 142 -18.42 -42.35 9.06
N GLN A 143 -17.69 -41.98 7.99
CA GLN A 143 -16.42 -41.27 8.14
C GLN A 143 -16.62 -39.88 8.75
N ASN A 144 -17.83 -39.33 8.65
CA ASN A 144 -18.13 -37.98 9.17
C ASN A 144 -18.87 -37.93 10.49
N ILE A 145 -18.84 -39.03 11.25
CA ILE A 145 -19.40 -39.05 12.59
C ILE A 145 -18.36 -39.59 13.56
N THR A 146 -18.60 -39.36 14.85
CA THR A 146 -17.74 -39.84 15.91
C THR A 146 -18.55 -39.96 17.18
N ASP A 147 -17.93 -40.42 18.26
CA ASP A 147 -18.64 -40.57 19.53
C ASP A 147 -18.77 -39.26 20.29
N GLY A 148 -19.82 -39.15 21.09
CA GLY A 148 -20.07 -37.95 21.88
C GLY A 148 -21.17 -38.20 22.88
N VAL A 149 -21.73 -37.12 23.43
CA VAL A 149 -22.78 -37.22 24.44
C VAL A 149 -23.99 -36.36 24.06
N ASP A 150 -25.18 -36.92 24.27
CA ASP A 150 -26.43 -36.19 24.08
C ASP A 150 -26.69 -35.30 25.29
N LYS A 151 -27.76 -34.51 25.23
CA LYS A 151 -28.08 -33.56 26.31
C LYS A 151 -28.44 -34.22 27.65
N ASP A 152 -28.56 -35.55 27.67
CA ASP A 152 -28.66 -36.33 28.92
C ASP A 152 -27.30 -36.85 29.40
N GLY A 153 -26.22 -36.48 28.71
CA GLY A 153 -24.88 -36.99 29.02
C GLY A 153 -24.71 -38.50 28.80
N ASN A 154 -25.51 -39.06 27.90
CA ASN A 154 -25.39 -40.48 27.55
C ASN A 154 -24.68 -40.65 26.21
N PRO A 155 -24.02 -41.79 26.01
CA PRO A 155 -23.25 -41.99 24.77
C PRO A 155 -24.16 -41.96 23.54
N CYS A 156 -23.64 -41.36 22.47
CA CYS A 156 -24.38 -41.26 21.22
C CYS A 156 -23.35 -41.00 20.12
N LYS A 157 -23.83 -40.81 18.90
CA LYS A 157 -22.97 -40.37 17.81
C LYS A 157 -23.23 -38.91 17.52
N VAL A 158 -22.19 -38.21 17.09
CA VAL A 158 -22.32 -36.80 16.69
C VAL A 158 -21.59 -36.56 15.37
N SER A 159 -21.96 -35.48 14.70
CA SER A 159 -21.30 -35.09 13.46
C SER A 159 -19.91 -34.55 13.74
N LEU A 160 -18.93 -34.93 12.92
CA LEU A 160 -17.58 -34.35 13.01
C LEU A 160 -17.59 -32.90 12.55
N GLU A 161 -18.45 -32.59 11.58
CA GLU A 161 -18.60 -31.21 11.11
C GLU A 161 -19.08 -30.26 12.19
N SER A 162 -20.16 -30.62 12.89
CA SER A 162 -20.84 -29.65 13.74
C SER A 162 -20.99 -30.05 15.19
N GLY A 163 -20.76 -31.31 15.52
CA GLY A 163 -20.89 -31.78 16.90
C GLY A 163 -22.31 -32.07 17.35
N HIS A 164 -23.30 -31.80 16.50
CA HIS A 164 -24.69 -32.12 16.80
C HIS A 164 -24.97 -33.61 16.70
N VAL A 165 -25.97 -34.04 17.45
CA VAL A 165 -26.36 -35.44 17.54
C VAL A 165 -26.82 -35.96 16.18
N VAL A 166 -26.25 -37.07 15.73
CA VAL A 166 -26.73 -37.75 14.53
C VAL A 166 -27.63 -38.94 14.89
N THR A 167 -28.47 -39.30 13.93
CA THR A 167 -29.42 -40.39 14.07
C THR A 167 -29.43 -41.23 12.79
N TRP A 168 -29.69 -42.52 12.94
CA TRP A 168 -29.72 -43.43 11.82
C TRP A 168 -31.09 -43.41 11.17
N VAL A 169 -31.12 -43.27 9.84
CA VAL A 169 -32.34 -43.19 9.07
C VAL A 169 -32.39 -44.36 8.08
N SER A 170 -33.54 -45.02 8.01
CA SER A 170 -33.73 -46.09 7.05
C SER A 170 -35.12 -45.92 6.45
N GLU A 171 -35.18 -45.37 5.23
CA GLU A 171 -36.44 -44.96 4.64
C GLU A 171 -36.39 -45.07 3.14
N GLU A 172 -37.48 -45.56 2.56
CA GLU A 172 -37.73 -45.41 1.14
C GLU A 172 -37.85 -43.91 0.80
N ASN A 173 -36.93 -43.40 -0.01
CA ASN A 173 -36.90 -41.97 -0.38
C ASN A 173 -36.75 -41.83 -1.89
N TYR A 174 -37.24 -40.71 -2.43
CA TYR A 174 -36.91 -40.33 -3.81
C TYR A 174 -35.47 -39.87 -3.80
N MET A 175 -34.70 -40.36 -4.78
CA MET A 175 -33.27 -40.12 -4.87
C MET A 175 -32.93 -39.36 -6.15
N PHE A 176 -32.07 -38.36 -6.01
CA PHE A 176 -31.56 -37.58 -7.13
C PHE A 176 -30.22 -38.15 -7.57
N ARG A 177 -30.01 -38.26 -8.88
CA ARG A 177 -28.83 -38.94 -9.42
C ARG A 177 -27.57 -38.10 -9.38
N LEU A 178 -27.15 -37.69 -8.19
CA LEU A 178 -26.02 -36.81 -8.02
C LEU A 178 -24.73 -37.45 -8.52
N SER A 179 -24.61 -38.75 -8.34
CA SER A 179 -23.46 -39.50 -8.85
C SER A 179 -23.18 -39.23 -10.33
N ALA A 180 -24.23 -38.98 -11.12
CA ALA A 180 -24.10 -38.73 -12.57
C ALA A 180 -23.54 -37.35 -12.94
N PHE A 181 -23.43 -36.43 -11.97
CA PHE A 181 -23.03 -35.05 -12.26
C PHE A 181 -21.59 -34.76 -11.89
N ARG A 182 -20.87 -35.76 -11.41
CA ARG A 182 -19.47 -35.60 -11.02
C ARG A 182 -18.60 -34.90 -12.07
N GLU A 183 -18.57 -35.44 -13.28
CA GLU A 183 -17.69 -34.91 -14.32
C GLU A 183 -18.09 -33.53 -14.78
N ARG A 184 -19.38 -33.25 -14.85
CA ARG A 184 -19.84 -31.90 -15.20
C ARG A 184 -19.51 -30.87 -14.11
N LEU A 185 -19.61 -31.28 -12.85
CA LEU A 185 -19.24 -30.40 -11.74
C LEU A 185 -17.75 -30.08 -11.79
N LEU A 186 -16.93 -31.10 -12.05
CA LEU A 186 -15.48 -30.91 -12.17
C LEU A 186 -15.12 -29.99 -13.35
N GLU A 187 -15.73 -30.19 -14.51
CA GLU A 187 -15.50 -29.32 -15.67
C GLU A 187 -15.86 -27.87 -15.34
N TRP A 188 -16.93 -27.71 -14.56
CA TRP A 188 -17.40 -26.40 -14.16
C TRP A 188 -16.40 -25.70 -13.24
N TYR A 189 -15.91 -26.41 -12.21
CA TYR A 189 -14.95 -25.83 -11.26
C TYR A 189 -13.70 -25.41 -11.99
N HIS A 190 -13.24 -26.25 -12.91
CA HIS A 190 -12.00 -26.00 -13.63
C HIS A 190 -12.13 -24.91 -14.68
N ALA A 191 -13.26 -24.85 -15.38
CA ALA A 191 -13.50 -23.81 -16.37
C ALA A 191 -13.72 -22.44 -15.71
N ASN A 192 -14.11 -22.42 -14.44
CA ASN A 192 -14.36 -21.16 -13.74
C ASN A 192 -13.58 -21.13 -12.42
N PRO A 193 -12.26 -20.94 -12.50
CA PRO A 193 -11.44 -21.07 -11.30
C PRO A 193 -11.63 -19.96 -10.26
N GLY A 194 -12.47 -18.97 -10.54
CA GLY A 194 -12.85 -17.99 -9.53
C GLY A 194 -14.24 -18.19 -8.93
N CYS A 195 -14.90 -19.30 -9.25
CA CYS A 195 -16.31 -19.45 -8.93
C CYS A 195 -16.58 -19.80 -7.45
N ILE A 196 -15.55 -20.22 -6.72
CA ILE A 196 -15.67 -20.43 -5.28
C ILE A 196 -14.54 -19.67 -4.60
N VAL A 197 -14.87 -18.95 -3.54
CA VAL A 197 -13.96 -18.06 -2.84
C VAL A 197 -14.17 -18.30 -1.36
N PRO A 198 -13.09 -18.35 -0.56
CA PRO A 198 -11.68 -18.27 -0.90
C PRO A 198 -11.16 -19.54 -1.58
N GLU A 199 -9.94 -19.46 -2.10
CA GLU A 199 -9.39 -20.50 -2.94
C GLU A 199 -9.27 -21.86 -2.23
N PHE A 200 -8.93 -21.88 -0.94
CA PHE A 200 -8.78 -23.17 -0.27
C PHE A 200 -10.12 -23.92 -0.13
N ARG A 201 -11.23 -23.19 -0.09
CA ARG A 201 -12.55 -23.82 -0.03
C ARG A 201 -12.93 -24.37 -1.39
N ARG A 202 -12.50 -23.69 -2.44
CA ARG A 202 -12.64 -24.21 -3.77
C ARG A 202 -11.89 -25.54 -3.92
N ARG A 203 -10.66 -25.59 -3.43
CA ARG A 203 -9.86 -26.80 -3.45
C ARG A 203 -10.55 -27.93 -2.67
N GLU A 204 -11.14 -27.61 -1.51
CA GLU A 204 -11.88 -28.59 -0.72
C GLU A 204 -13.02 -29.22 -1.51
N VAL A 205 -13.81 -28.37 -2.17
CA VAL A 205 -14.95 -28.83 -2.95
C VAL A 205 -14.47 -29.78 -4.04
N ILE A 206 -13.42 -29.39 -4.75
CA ILE A 206 -12.88 -30.21 -5.84
C ILE A 206 -12.42 -31.58 -5.34
N ARG A 207 -11.65 -31.62 -4.26
CA ARG A 207 -11.20 -32.91 -3.70
C ARG A 207 -12.35 -33.83 -3.34
N ALA A 208 -13.42 -33.29 -2.77
CA ALA A 208 -14.58 -34.08 -2.37
C ALA A 208 -15.28 -34.68 -3.59
N VAL A 209 -15.43 -33.90 -4.64
CA VAL A 209 -16.12 -34.36 -5.83
C VAL A 209 -15.25 -35.34 -6.61
N GLU A 210 -13.94 -35.11 -6.64
CA GLU A 210 -12.98 -36.04 -7.25
C GLU A 210 -13.16 -37.47 -6.72
N LYS A 211 -13.32 -37.59 -5.41
CA LYS A 211 -13.45 -38.90 -4.74
C LYS A 211 -14.70 -39.70 -5.14
N GLY A 212 -15.73 -39.01 -5.62
CA GLY A 212 -16.96 -39.67 -6.05
C GLY A 212 -18.14 -39.13 -5.27
N LEU A 213 -19.31 -39.11 -5.91
CA LEU A 213 -20.53 -38.63 -5.27
C LEU A 213 -21.58 -39.73 -5.22
N PRO A 214 -22.16 -39.97 -4.04
CA PRO A 214 -23.31 -40.84 -4.00
C PRO A 214 -24.59 -40.08 -4.43
N ASP A 215 -25.65 -40.83 -4.70
CA ASP A 215 -26.94 -40.22 -4.97
C ASP A 215 -27.49 -39.64 -3.69
N LEU A 216 -28.37 -38.66 -3.84
CA LEU A 216 -28.84 -37.85 -2.74
C LEU A 216 -30.34 -38.01 -2.56
N SER A 217 -30.75 -38.25 -1.32
CA SER A 217 -32.16 -38.34 -0.98
C SER A 217 -32.77 -36.94 -1.05
N VAL A 218 -33.81 -36.79 -1.86
CA VAL A 218 -34.49 -35.53 -2.03
C VAL A 218 -35.95 -35.57 -1.55
N SER A 219 -36.36 -36.68 -0.95
CA SER A 219 -37.62 -36.74 -0.20
C SER A 219 -37.45 -37.46 1.13
N ARG A 220 -38.44 -37.29 2.00
CA ARG A 220 -38.54 -38.05 3.24
C ARG A 220 -39.99 -38.47 3.45
N ALA A 221 -40.18 -39.56 4.18
CA ALA A 221 -41.53 -39.96 4.63
C ALA A 221 -42.13 -38.81 5.43
N ARG A 222 -43.42 -38.55 5.23
CA ARG A 222 -44.05 -37.33 5.78
C ARG A 222 -44.12 -37.28 7.32
N ALA A 223 -44.24 -38.42 7.96
CA ALA A 223 -44.32 -38.45 9.43
C ALA A 223 -43.01 -37.98 10.07
N THR A 224 -41.89 -38.33 9.45
CA THR A 224 -40.60 -37.95 10.01
C THR A 224 -40.45 -36.45 10.12
N LEU A 225 -41.07 -35.73 9.18
CA LEU A 225 -41.05 -34.26 9.14
C LEU A 225 -42.23 -33.61 9.89
N HIS A 226 -43.01 -34.41 10.61
CA HIS A 226 -44.23 -33.90 11.26
C HIS A 226 -45.10 -33.11 10.27
N ASN A 227 -45.15 -33.59 9.04
CA ASN A 227 -45.95 -32.96 7.99
C ASN A 227 -45.74 -31.46 7.85
N TRP A 228 -44.50 -31.01 8.04
CA TRP A 228 -44.17 -29.60 7.93
C TRP A 228 -43.14 -29.41 6.82
N ALA A 229 -43.64 -29.40 5.58
CA ALA A 229 -42.81 -29.41 4.38
C ALA A 229 -43.69 -29.42 3.11
N ILE A 230 -43.06 -29.37 1.94
CA ILE A 230 -43.77 -29.29 0.67
C ILE A 230 -44.02 -30.72 0.14
N PRO A 231 -45.26 -31.06 -0.19
CA PRO A 231 -45.46 -32.41 -0.74
C PRO A 231 -44.78 -32.62 -2.08
N VAL A 232 -44.27 -33.83 -2.29
CA VAL A 232 -43.73 -34.24 -3.57
C VAL A 232 -44.85 -34.36 -4.58
N PRO A 233 -44.73 -33.67 -5.73
CA PRO A 233 -45.72 -33.74 -6.81
C PRO A 233 -46.02 -35.17 -7.21
N GLY A 234 -47.30 -35.51 -7.19
CA GLY A 234 -47.74 -36.86 -7.52
C GLY A 234 -47.52 -37.92 -6.44
N ASN A 235 -47.00 -37.53 -5.28
CA ASN A 235 -46.86 -38.50 -4.19
C ASN A 235 -46.99 -37.85 -2.82
N PRO A 236 -48.22 -37.78 -2.31
CA PRO A 236 -48.50 -37.08 -1.05
C PRO A 236 -47.98 -37.77 0.22
N ASP A 237 -47.38 -38.95 0.10
CA ASP A 237 -46.74 -39.59 1.26
C ASP A 237 -45.30 -39.13 1.50
N HIS A 238 -44.72 -38.45 0.53
CA HIS A 238 -43.37 -37.91 0.62
C HIS A 238 -43.35 -36.39 0.64
N CAS A 239 -42.36 -35.83 1.34
CA CAS A 239 -42.16 -34.40 1.41
CB CAS A 239 -42.09 -33.95 2.86
C CAS A 239 -40.83 -34.09 0.78
O CAS A 239 -39.90 -34.90 0.86
SG CAS A 239 -43.51 -34.42 3.81
AS CAS A 239 -45.05 -33.09 2.99
CE1 CAS A 239 -46.33 -34.27 2.03
CE2 CAS A 239 -46.16 -32.27 4.42
N VAL A 240 -40.72 -32.93 0.15
CA VAL A 240 -39.47 -32.53 -0.49
C VAL A 240 -38.39 -32.20 0.54
N TYR A 241 -37.20 -32.76 0.35
CA TYR A 241 -36.04 -32.45 1.19
C TYR A 241 -35.93 -30.93 1.44
N VAL A 242 -35.84 -30.55 2.71
CA VAL A 242 -35.81 -29.13 3.08
C VAL A 242 -34.70 -28.36 2.34
N TRP A 243 -33.60 -29.02 2.02
CA TRP A 243 -32.51 -28.36 1.32
C TRP A 243 -32.77 -28.09 -0.15
N LEU A 244 -33.54 -28.97 -0.81
CA LEU A 244 -33.91 -28.72 -2.20
C LEU A 244 -34.91 -27.56 -2.24
N ASP A 245 -35.90 -27.64 -1.36
CA ASP A 245 -36.83 -26.55 -1.04
C ASP A 245 -36.08 -25.23 -0.79
N ALA A 246 -35.14 -25.24 0.15
CA ALA A 246 -34.44 -24.00 0.55
C ALA A 246 -33.61 -23.38 -0.58
N LEU A 247 -32.83 -24.19 -1.29
CA LEU A 247 -31.97 -23.71 -2.37
C LEU A 247 -32.79 -23.06 -3.48
N THR A 248 -33.98 -23.60 -3.71
CA THR A 248 -34.88 -23.04 -4.70
C THR A 248 -35.28 -21.59 -4.40
N ASN A 249 -35.11 -21.09 -3.17
CA ASN A 249 -35.44 -19.68 -2.86
C ASN A 249 -34.70 -18.72 -3.79
N TYR A 250 -33.50 -19.10 -4.20
CA TYR A 250 -32.71 -18.27 -5.10
C TYR A 250 -33.41 -18.11 -6.47
N LEU A 251 -34.01 -19.18 -6.97
CA LEU A 251 -34.76 -19.14 -8.24
C LEU A 251 -36.06 -18.37 -8.07
N THR A 252 -36.79 -18.69 -6.99
CA THR A 252 -38.02 -18.00 -6.66
C THR A 252 -37.82 -16.48 -6.57
N GLY A 253 -36.84 -16.06 -5.80
CA GLY A 253 -36.54 -14.64 -5.63
C GLY A 253 -36.24 -13.98 -6.96
N SER A 254 -35.55 -14.70 -7.84
CA SER A 254 -35.22 -14.17 -9.16
C SER A 254 -36.46 -13.97 -10.02
N ARG A 255 -37.59 -14.55 -9.60
CA ARG A 255 -38.85 -14.49 -10.36
C ARG A 255 -39.98 -13.70 -9.68
N LEU A 256 -39.69 -12.99 -8.61
CA LEU A 256 -40.70 -12.21 -7.90
C LEU A 256 -40.63 -10.73 -8.22
N ARG A 257 -41.72 -10.19 -8.76
CA ARG A 257 -41.93 -8.75 -8.86
C ARG A 257 -42.38 -8.22 -7.51
N VAL A 258 -41.66 -7.21 -7.02
CA VAL A 258 -41.85 -6.68 -5.68
C VAL A 258 -42.30 -5.23 -5.81
N ASP A 259 -43.36 -4.84 -5.09
CA ASP A 259 -43.81 -3.43 -5.07
C ASP A 259 -42.83 -2.59 -4.23
N GLU A 260 -43.04 -1.28 -4.19
CA GLU A 260 -42.11 -0.38 -3.48
C GLU A 260 -42.13 -0.55 -1.94
N SER A 261 -43.10 -1.32 -1.44
CA SER A 261 -43.19 -1.65 -0.01
C SER A 261 -42.48 -2.97 0.37
N GLY A 262 -41.84 -3.63 -0.59
CA GLY A 262 -41.13 -4.88 -0.33
C GLY A 262 -42.02 -6.13 -0.28
N LYS A 263 -43.28 -5.96 -0.67
CA LYS A 263 -44.26 -7.04 -0.69
C LYS A 263 -44.29 -7.66 -2.09
N GLU A 264 -44.23 -9.00 -2.15
CA GLU A 264 -44.27 -9.72 -3.42
C GLU A 264 -45.66 -9.61 -4.04
N VAL A 265 -45.74 -9.17 -5.30
CA VAL A 265 -47.03 -9.01 -5.95
C VAL A 265 -47.27 -9.97 -7.12
N SER A 266 -46.24 -10.71 -7.53
CA SER A 266 -46.35 -11.48 -8.77
C SER A 266 -45.15 -12.38 -9.01
N LEU A 267 -45.43 -13.60 -9.46
CA LEU A 267 -44.41 -14.58 -9.83
C LEU A 267 -44.41 -14.71 -11.33
N VAL A 268 -43.31 -14.38 -11.99
CA VAL A 268 -43.21 -14.49 -13.46
C VAL A 268 -42.90 -15.93 -13.87
N ASP A 269 -43.22 -16.29 -15.13
CA ASP A 269 -43.09 -17.67 -15.62
C ASP A 269 -41.66 -18.11 -15.87
N ASP A 270 -40.82 -17.18 -16.27
CA ASP A 270 -39.50 -17.45 -16.83
C ASP A 270 -38.55 -16.41 -16.26
N PHE A 271 -37.47 -16.87 -15.61
CA PHE A 271 -36.51 -15.96 -14.95
C PHE A 271 -35.95 -14.86 -15.86
N ASN A 272 -35.86 -15.11 -17.16
CA ASN A 272 -35.35 -14.10 -18.09
C ASN A 272 -36.14 -12.80 -18.05
N GLU A 273 -37.39 -12.88 -17.62
CA GLU A 273 -38.25 -11.71 -17.56
C GLU A 273 -37.73 -10.64 -16.59
N LEU A 274 -37.07 -11.06 -15.51
CA LEU A 274 -36.56 -10.11 -14.52
C LEU A 274 -35.03 -9.93 -14.58
N GLU A 275 -34.34 -10.75 -15.36
CA GLU A 275 -32.91 -10.57 -15.66
C GLU A 275 -32.03 -10.67 -14.43
N ARG A 276 -32.47 -11.44 -13.43
CA ARG A 276 -31.70 -11.63 -12.21
C ARG A 276 -30.94 -12.95 -12.20
N PHE A 277 -31.64 -14.04 -12.51
CA PHE A 277 -31.03 -15.37 -12.40
C PHE A 277 -29.99 -15.55 -13.51
N PRO A 278 -28.87 -16.23 -13.22
CA PRO A 278 -28.46 -16.84 -11.95
C PRO A 278 -27.73 -15.84 -11.09
N ALA A 279 -27.54 -16.17 -9.83
CA ALA A 279 -26.89 -15.25 -8.93
C ALA A 279 -25.46 -14.98 -9.37
N ASP A 280 -25.07 -13.72 -9.28
CA ASP A 280 -23.70 -13.32 -9.52
C ASP A 280 -22.85 -13.68 -8.30
N VAL A 281 -23.40 -13.49 -7.10
CA VAL A 281 -22.74 -13.95 -5.87
C VAL A 281 -23.72 -14.55 -4.88
N HIS A 282 -23.45 -15.78 -4.44
CA HIS A 282 -24.13 -16.37 -3.30
C HIS A 282 -23.20 -16.20 -2.10
N VAL A 283 -23.63 -15.46 -1.10
CA VAL A 283 -22.90 -15.38 0.17
C VAL A 283 -23.37 -16.50 1.08
N ILE A 284 -22.42 -17.25 1.64
CA ILE A 284 -22.75 -18.32 2.58
C ILE A 284 -21.69 -18.48 3.64
N GLY A 285 -22.06 -19.10 4.75
CA GLY A 285 -21.09 -19.58 5.73
C GLY A 285 -20.45 -20.87 5.26
N LYS A 286 -19.25 -21.15 5.76
CA LYS A 286 -18.50 -22.38 5.37
C LYS A 286 -19.27 -23.67 5.70
N ASP A 287 -20.09 -23.62 6.75
CA ASP A 287 -20.89 -24.78 7.14
C ASP A 287 -21.86 -25.31 6.07
N ILE A 288 -22.21 -24.51 5.05
CA ILE A 288 -23.20 -24.95 4.05
C ILE A 288 -22.66 -24.93 2.62
N LEU A 289 -21.35 -25.13 2.50
CA LEU A 289 -20.68 -25.16 1.21
C LEU A 289 -21.14 -26.29 0.28
N LYS A 290 -21.27 -27.52 0.78
CA LYS A 290 -21.60 -28.65 -0.11
C LYS A 290 -22.97 -28.47 -0.77
N PHE A 291 -23.91 -27.86 -0.05
CA PHE A 291 -25.25 -27.64 -0.58
C PHE A 291 -25.22 -26.70 -1.78
N HIS A 292 -24.44 -25.63 -1.66
CA HIS A 292 -24.35 -24.59 -2.69
C HIS A 292 -23.35 -24.88 -3.82
N ALA A 293 -22.25 -25.57 -3.52
CA ALA A 293 -21.18 -25.81 -4.50
C ALA A 293 -21.23 -27.19 -5.16
N ILE A 294 -21.96 -28.14 -4.56
CA ILE A 294 -22.19 -29.47 -5.14
C ILE A 294 -23.65 -29.73 -5.52
N TYR A 295 -24.56 -29.76 -4.54
CA TYR A 295 -25.96 -30.10 -4.85
C TYR A 295 -26.64 -29.13 -5.81
N TRP A 296 -26.57 -27.85 -5.46
CA TRP A 296 -27.26 -26.78 -6.19
C TRP A 296 -26.87 -26.76 -7.67
N PRO A 297 -25.57 -26.72 -7.97
CA PRO A 297 -25.28 -26.71 -9.42
C PRO A 297 -25.72 -27.99 -10.11
N ALA A 298 -25.72 -29.12 -9.38
CA ALA A 298 -26.17 -30.38 -9.99
C ALA A 298 -27.66 -30.33 -10.33
N PHE A 299 -28.47 -29.78 -9.42
CA PHE A 299 -29.90 -29.58 -9.71
C PHE A 299 -30.09 -28.67 -10.92
N LEU A 300 -29.29 -27.61 -10.99
CA LEU A 300 -29.40 -26.64 -12.08
C LEU A 300 -29.02 -27.28 -13.41
N LEU A 301 -27.91 -28.02 -13.43
CA LEU A 301 -27.53 -28.77 -14.62
C LEU A 301 -28.66 -29.72 -15.08
N SER A 302 -29.22 -30.46 -14.12
CA SER A 302 -30.29 -31.40 -14.44
C SER A 302 -31.46 -30.66 -15.06
N ALA A 303 -31.83 -29.54 -14.45
CA ALA A 303 -33.00 -28.77 -14.87
C ALA A 303 -32.77 -27.94 -16.14
N GLY A 304 -31.53 -27.81 -16.58
CA GLY A 304 -31.21 -26.99 -17.73
C GLY A 304 -31.21 -25.49 -17.44
N LEU A 305 -30.85 -25.13 -16.22
CA LEU A 305 -30.82 -23.73 -15.79
C LEU A 305 -29.36 -23.26 -15.67
N PRO A 306 -29.12 -21.95 -15.79
CA PRO A 306 -27.73 -21.46 -15.73
C PRO A 306 -27.18 -21.53 -14.31
N LEU A 307 -25.86 -21.60 -14.19
CA LEU A 307 -25.22 -21.77 -12.90
C LEU A 307 -24.79 -20.42 -12.32
N PRO A 308 -24.66 -20.33 -10.99
CA PRO A 308 -24.20 -19.07 -10.40
C PRO A 308 -22.76 -18.72 -10.79
N LYS A 309 -22.37 -17.45 -10.69
CA LYS A 309 -21.02 -17.04 -11.09
C LYS A 309 -19.99 -17.21 -9.97
N LYS A 310 -20.37 -16.82 -8.76
CA LYS A 310 -19.49 -16.95 -7.59
C LYS A 310 -20.24 -17.43 -6.33
N ILE A 311 -19.57 -18.28 -5.57
CA ILE A 311 -19.98 -18.60 -4.22
C ILE A 311 -18.87 -18.13 -3.29
N VAL A 312 -19.20 -17.28 -2.32
CA VAL A 312 -18.22 -16.83 -1.33
C VAL A 312 -18.64 -17.37 0.03
N ALA A 313 -17.71 -18.08 0.67
CA ALA A 313 -17.97 -18.76 1.93
C ALA A 313 -17.06 -18.22 2.99
N HIS A 314 -17.65 -17.63 4.02
CA HIS A 314 -16.90 -17.00 5.11
C HIS A 314 -16.77 -17.93 6.32
N GLY A 315 -16.04 -17.48 7.34
CA GLY A 315 -15.85 -18.25 8.59
C GLY A 315 -16.84 -17.95 9.71
N TRP A 316 -16.50 -18.41 10.91
CA TRP A 316 -17.40 -18.38 12.08
C TRP A 316 -16.85 -17.47 13.20
N TRP A 317 -17.69 -16.60 13.75
CA TRP A 317 -17.28 -15.68 14.82
C TRP A 317 -17.20 -16.34 16.21
N THR A 318 -16.20 -15.88 16.98
CA THR A 318 -16.12 -16.11 18.41
C THR A 318 -16.15 -14.74 19.09
N LYS A 319 -16.28 -14.73 20.42
CA LYS A 319 -16.16 -13.51 21.21
C LYS A 319 -15.24 -13.75 22.40
N ASP A 320 -14.27 -12.86 22.60
CA ASP A 320 -13.24 -13.01 23.63
C ASP A 320 -12.58 -14.40 23.53
N ARG A 321 -12.30 -14.82 22.30
CA ARG A 321 -11.68 -16.10 21.97
C ARG A 321 -12.46 -17.33 22.49
N LYS A 322 -13.78 -17.22 22.61
CA LYS A 322 -14.63 -18.35 23.04
C LYS A 322 -15.88 -18.52 22.17
N LYS A 323 -16.46 -19.72 22.22
CA LYS A 323 -17.71 -20.02 21.52
C LYS A 323 -18.77 -18.99 21.92
N ILE A 324 -19.46 -18.43 20.93
CA ILE A 324 -20.61 -17.56 21.21
C ILE A 324 -21.83 -18.44 21.54
N SER A 325 -22.42 -18.19 22.71
CA SER A 325 -23.60 -18.94 23.17
C SER A 325 -24.17 -18.28 24.43
N LYS A 326 -25.49 -18.20 24.51
CA LYS A 326 -26.15 -17.60 25.68
C LYS A 326 -26.17 -18.55 26.87
N SER A 327 -26.36 -19.84 26.61
CA SER A 327 -26.37 -20.86 27.67
C SER A 327 -24.98 -21.09 28.30
N LEU A 328 -23.92 -20.76 27.56
CA LEU A 328 -22.54 -20.86 28.07
C LEU A 328 -22.10 -19.61 28.84
N GLY A 329 -22.74 -18.48 28.59
CA GLY A 329 -22.38 -17.23 29.24
C GLY A 329 -21.39 -16.40 28.42
N ASN A 330 -21.57 -16.40 27.11
CA ASN A 330 -20.84 -15.49 26.23
C ASN A 330 -21.75 -15.01 25.09
N VAL A 331 -22.46 -13.91 25.36
CA VAL A 331 -23.41 -13.34 24.41
C VAL A 331 -22.71 -12.28 23.57
N PHE A 332 -23.10 -12.19 22.30
CA PHE A 332 -22.65 -11.12 21.42
C PHE A 332 -23.86 -10.56 20.65
N ASP A 333 -24.58 -9.65 21.31
CA ASP A 333 -25.74 -9.00 20.73
C ASP A 333 -25.30 -7.83 19.83
N PRO A 334 -25.57 -7.92 18.52
CA PRO A 334 -25.15 -6.86 17.60
C PRO A 334 -25.81 -5.51 17.89
N VAL A 335 -27.10 -5.51 18.18
CA VAL A 335 -27.80 -4.25 18.42
C VAL A 335 -27.27 -3.57 19.68
N GLU A 336 -26.98 -4.35 20.73
CA GLU A 336 -26.37 -3.79 21.95
C GLU A 336 -25.01 -3.15 21.64
N LYS A 337 -24.17 -3.83 20.87
CA LYS A 337 -22.87 -3.27 20.50
C LYS A 337 -23.00 -2.07 19.57
N ALA A 338 -24.04 -2.06 18.73
CA ALA A 338 -24.25 -0.95 17.78
C ALA A 338 -24.79 0.31 18.46
N GLU A 339 -25.63 0.15 19.48
CA GLU A 339 -26.10 1.29 20.24
C GLU A 339 -24.94 1.88 21.07
N GLU A 340 -24.01 1.02 21.47
CA GLU A 340 -22.85 1.42 22.27
C GLU A 340 -21.78 2.13 21.43
N PHE A 341 -21.45 1.55 20.27
CA PHE A 341 -20.32 2.02 19.45
C PHE A 341 -20.74 2.67 18.12
N GLY A 342 -21.97 2.42 17.67
CA GLY A 342 -22.46 2.92 16.38
C GLY A 342 -22.66 1.79 15.37
N TYR A 343 -23.69 1.92 14.55
CA TYR A 343 -24.03 0.90 13.54
C TYR A 343 -22.96 0.78 12.45
N ASP A 344 -22.63 1.89 11.81
CA ASP A 344 -21.60 1.88 10.77
C ASP A 344 -20.28 1.36 11.32
N ALA A 345 -19.91 1.81 12.51
CA ALA A 345 -18.65 1.38 13.14
C ALA A 345 -18.61 -0.13 13.44
N LEU A 346 -19.74 -0.69 13.88
CA LEU A 346 -19.82 -2.13 14.15
C LEU A 346 -19.68 -2.89 12.84
N LYS A 347 -20.33 -2.41 11.80
CA LYS A 347 -20.24 -3.01 10.48
C LYS A 347 -18.81 -2.94 9.97
N TYR A 348 -18.18 -1.76 10.10
CA TYR A 348 -16.78 -1.61 9.73
C TYR A 348 -15.92 -2.65 10.41
N PHE A 349 -16.11 -2.79 11.72
CA PHE A 349 -15.27 -3.70 12.48
C PHE A 349 -15.44 -5.14 12.02
N LEU A 350 -16.69 -5.59 11.92
CA LEU A 350 -16.96 -6.95 11.46
C LEU A 350 -16.36 -7.23 10.08
N LEU A 351 -16.38 -6.24 9.21
CA LEU A 351 -15.86 -6.41 7.85
C LEU A 351 -14.35 -6.19 7.73
N ARG A 352 -13.77 -5.42 8.66
CA ARG A 352 -12.34 -5.14 8.67
C ARG A 352 -11.55 -6.21 9.42
N GLU A 353 -12.12 -6.68 10.52
CA GLU A 353 -11.37 -7.49 11.49
C GLU A 353 -11.00 -8.87 10.95
N SER A 354 -11.87 -9.44 10.12
CA SER A 354 -11.63 -10.79 9.62
C SER A 354 -11.82 -10.90 8.12
N GLY A 355 -11.00 -11.73 7.49
CA GLY A 355 -11.18 -12.09 6.10
C GLY A 355 -12.07 -13.31 6.04
N PHE A 356 -12.51 -13.63 4.84
CA PHE A 356 -13.44 -14.75 4.63
C PHE A 356 -12.78 -16.10 4.95
N SER A 357 -11.46 -16.17 4.86
CA SER A 357 -10.75 -17.41 5.18
C SER A 357 -10.57 -17.67 6.69
N ASP A 358 -10.94 -16.73 7.55
CA ASP A 358 -10.68 -16.84 8.99
C ASP A 358 -11.96 -16.95 9.82
N ASP A 359 -11.81 -17.50 11.01
CA ASP A 359 -12.84 -17.42 12.04
C ASP A 359 -12.52 -16.20 12.90
N GLY A 360 -13.19 -15.08 12.62
CA GLY A 360 -12.92 -13.81 13.27
C GLY A 360 -13.23 -13.77 14.76
N ASP A 361 -12.72 -12.73 15.44
CA ASP A 361 -12.91 -12.57 16.88
C ASP A 361 -13.22 -11.13 17.30
N TYR A 362 -14.38 -10.94 17.94
CA TYR A 362 -14.74 -9.65 18.55
C TYR A 362 -14.29 -9.55 20.03
N SER A 363 -13.63 -8.46 20.38
CA SER A 363 -13.52 -8.04 21.78
C SER A 363 -13.78 -6.54 21.87
N ASP A 364 -14.28 -6.08 23.02
CA ASP A 364 -14.52 -4.65 23.23
C ASP A 364 -13.23 -3.87 23.08
N LYS A 365 -12.13 -4.44 23.58
CA LYS A 365 -10.81 -3.85 23.48
C LYS A 365 -10.45 -3.58 22.02
N ASN A 366 -10.52 -4.62 21.19
CA ASN A 366 -10.14 -4.49 19.79
C ASN A 366 -11.15 -3.65 19.00
N MET A 367 -12.43 -3.77 19.33
CA MET A 367 -13.45 -2.92 18.73
C MET A 367 -13.09 -1.45 18.96
N ILE A 368 -12.71 -1.12 20.19
CA ILE A 368 -12.34 0.25 20.54
C ILE A 368 -11.03 0.70 19.88
N ALA A 369 -10.08 -0.22 19.76
CA ALA A 369 -8.82 0.08 19.08
C ALA A 369 -9.06 0.46 17.61
N ARG A 370 -9.95 -0.25 16.93
CA ARG A 370 -10.23 0.07 15.52
C ARG A 370 -11.07 1.33 15.36
N LEU A 371 -12.09 1.49 16.20
CA LEU A 371 -12.91 2.70 16.18
C LEU A 371 -12.03 3.94 16.42
N ASN A 372 -11.24 3.93 17.49
CA ASN A 372 -10.34 5.05 17.80
C ASN A 372 -9.22 5.25 16.77
N GLY A 373 -8.50 4.18 16.46
CA GLY A 373 -7.34 4.24 15.58
C GLY A 373 -7.68 4.54 14.14
N GLU A 374 -8.67 3.86 13.58
CA GLU A 374 -8.98 3.99 12.16
C GLU A 374 -10.12 4.97 11.88
N LEU A 375 -11.29 4.76 12.50
CA LEU A 375 -12.41 5.63 12.23
C LEU A 375 -12.25 7.06 12.78
N ALA A 376 -11.83 7.20 14.03
CA ALA A 376 -11.67 8.53 14.64
C ALA A 376 -10.36 9.22 14.21
N ASP A 377 -9.23 8.57 14.46
CA ASP A 377 -7.92 9.20 14.24
C ASP A 377 -7.51 9.32 12.79
N THR A 378 -7.90 8.35 11.96
CA THR A 378 -7.47 8.32 10.57
C THR A 378 -8.48 9.01 9.66
N LEU A 379 -9.69 8.44 9.54
CA LEU A 379 -10.75 9.04 8.70
C LEU A 379 -11.35 10.32 9.31
N GLY A 380 -11.79 10.24 10.56
CA GLY A 380 -12.52 11.34 11.18
C GLY A 380 -11.70 12.60 11.37
N ASN A 381 -10.47 12.44 11.85
CA ASN A 381 -9.56 13.58 12.05
C ASN A 381 -9.34 14.36 10.77
N LEU A 382 -9.21 13.62 9.67
CA LEU A 382 -8.90 14.19 8.37
C LEU A 382 -10.06 14.96 7.80
N VAL A 383 -11.29 14.45 7.99
CA VAL A 383 -12.49 15.16 7.56
C VAL A 383 -12.64 16.47 8.32
N MET A 384 -12.39 16.45 9.61
CA MET A 384 -12.51 17.65 10.45
C MET A 384 -11.47 18.70 10.05
N ARG A 385 -10.23 18.26 9.83
CA ARG A 385 -9.15 19.17 9.44
C ARG A 385 -9.45 19.95 8.18
N CYS A 386 -9.75 19.24 7.09
CA CYS A 386 -9.94 19.86 5.79
C CYS A 386 -11.25 20.64 5.68
N THR A 387 -12.11 20.57 6.68
CA THR A 387 -13.36 21.34 6.69
C THR A 387 -13.39 22.44 7.73
N SER A 388 -12.37 22.53 8.59
CA SER A 388 -12.41 23.47 9.71
C SER A 388 -12.24 24.90 9.22
N ALA A 389 -12.80 25.84 9.98
CA ALA A 389 -12.67 27.26 9.69
C ALA A 389 -11.21 27.73 9.81
N LYS A 390 -10.44 27.07 10.65
CA LYS A 390 -9.03 27.43 10.87
C LYS A 390 -8.15 27.16 9.64
N ILE A 391 -8.36 26.04 8.96
CA ILE A 391 -7.55 25.69 7.79
C ILE A 391 -8.24 26.12 6.49
N ASN A 392 -9.52 25.79 6.37
CA ASN A 392 -10.33 26.15 5.22
C ASN A 392 -11.12 27.42 5.52
N VAL A 393 -10.44 28.57 5.42
CA VAL A 393 -10.99 29.85 5.88
C VAL A 393 -12.18 30.32 5.05
N ASN A 394 -12.23 29.92 3.79
CA ASN A 394 -13.34 30.32 2.92
C ASN A 394 -14.49 29.33 2.86
N GLY A 395 -14.35 28.19 3.56
CA GLY A 395 -15.40 27.19 3.57
C GLY A 395 -15.75 26.71 2.19
N GLU A 396 -14.75 26.37 1.39
CA GLU A 396 -14.97 25.92 0.02
C GLU A 396 -13.89 24.98 -0.47
N TRP A 397 -14.10 24.44 -1.66
CA TRP A 397 -13.08 23.70 -2.37
C TRP A 397 -12.21 24.72 -3.09
N PRO A 398 -10.93 24.85 -2.69
CA PRO A 398 -10.10 25.84 -3.34
C PRO A 398 -9.61 25.35 -4.69
N SER A 399 -9.12 26.29 -5.48
CA SER A 399 -8.55 26.01 -6.78
C SER A 399 -7.05 25.74 -6.59
N PRO A 400 -6.56 24.57 -7.01
CA PRO A 400 -5.16 24.26 -6.72
C PRO A 400 -4.18 25.03 -7.60
N ALA A 401 -3.02 25.39 -7.05
CA ALA A 401 -1.91 25.90 -7.87
C ALA A 401 -1.09 24.70 -8.39
N ALA A 402 0.15 24.97 -8.79
CA ALA A 402 1.00 23.92 -9.37
C ALA A 402 1.33 22.83 -8.37
N TYR A 403 1.30 21.59 -8.85
CA TYR A 403 1.56 20.43 -8.04
C TYR A 403 3.06 20.16 -7.96
N THR A 404 3.54 19.87 -6.75
CA THR A 404 4.91 19.37 -6.56
C THR A 404 4.95 17.89 -6.81
N GLU A 405 6.14 17.30 -6.80
CA GLU A 405 6.28 15.85 -6.97
C GLU A 405 5.64 15.08 -5.81
N GLU A 406 5.78 15.60 -4.60
CA GLU A 406 5.12 14.99 -3.45
C GLU A 406 3.60 15.08 -3.59
N ASP A 407 3.09 16.24 -4.04
CA ASP A 407 1.66 16.36 -4.32
C ASP A 407 1.22 15.23 -5.23
N GLU A 408 1.94 15.07 -6.34
CA GLU A 408 1.55 14.10 -7.34
C GLU A 408 1.70 12.65 -6.90
N SER A 409 2.64 12.36 -6.00
CA SER A 409 2.76 11.02 -5.47
C SER A 409 1.46 10.65 -4.75
N LEU A 410 0.88 11.59 -4.02
CA LEU A 410 -0.38 11.34 -3.32
C LEU A 410 -1.54 11.25 -4.31
N ILE A 411 -1.56 12.16 -5.29
CA ILE A 411 -2.58 12.16 -6.31
C ILE A 411 -2.61 10.81 -7.05
N GLN A 412 -1.42 10.27 -7.34
CA GLN A 412 -1.36 8.97 -7.99
C GLN A 412 -2.01 7.86 -7.17
N LEU A 413 -1.79 7.86 -5.86
CA LEU A 413 -2.43 6.88 -4.99
C LEU A 413 -3.97 7.01 -5.02
N ILE A 414 -4.46 8.24 -5.05
CA ILE A 414 -5.90 8.48 -5.07
C ILE A 414 -6.50 8.02 -6.42
N LYS A 415 -5.80 8.31 -7.52
CA LYS A 415 -6.24 7.87 -8.85
C LYS A 415 -6.26 6.34 -9.00
N ASP A 416 -5.28 5.66 -8.41
CA ASP A 416 -5.20 4.21 -8.55
C ASP A 416 -6.21 3.50 -7.66
N LEU A 417 -6.62 4.14 -6.56
CA LEU A 417 -7.44 3.49 -5.54
C LEU A 417 -8.72 2.82 -6.07
N PRO A 418 -9.52 3.51 -6.92
CA PRO A 418 -10.77 2.89 -7.40
C PRO A 418 -10.58 1.61 -8.19
N GLY A 419 -9.57 1.55 -9.05
CA GLY A 419 -9.28 0.32 -9.78
C GLY A 419 -9.03 -0.85 -8.83
N THR A 420 -8.34 -0.56 -7.74
CA THR A 420 -7.87 -1.56 -6.81
C THR A 420 -8.95 -2.01 -5.86
N ALA A 421 -9.67 -1.05 -5.30
CA ALA A 421 -10.83 -1.33 -4.49
C ALA A 421 -11.88 -2.12 -5.29
N ASP A 422 -12.09 -1.73 -6.54
CA ASP A 422 -13.06 -2.41 -7.39
C ASP A 422 -12.72 -3.88 -7.57
N HIS A 423 -11.46 -4.18 -7.91
CA HIS A 423 -11.05 -5.57 -8.04
C HIS A 423 -11.33 -6.34 -6.75
N TYR A 424 -10.96 -5.77 -5.61
CA TYR A 424 -11.16 -6.46 -4.34
C TYR A 424 -12.65 -6.70 -4.05
N TYR A 425 -13.48 -5.67 -4.27
CA TYR A 425 -14.93 -5.82 -4.09
C TYR A 425 -15.55 -6.91 -4.98
N LEU A 426 -14.96 -7.14 -6.14
CA LEU A 426 -15.49 -8.09 -7.12
C LEU A 426 -15.05 -9.54 -6.90
N ILE A 427 -14.01 -9.75 -6.10
CA ILE A 427 -13.50 -11.08 -5.84
C ILE A 427 -14.58 -12.04 -5.29
N PRO A 428 -15.31 -11.64 -4.23
CA PRO A 428 -15.19 -10.46 -3.38
C PRO A 428 -14.30 -10.70 -2.15
N ASP A 429 -13.51 -9.69 -1.81
CA ASP A 429 -12.72 -9.67 -0.61
C ASP A 429 -12.89 -8.29 -0.02
N ILE A 430 -13.88 -8.13 0.83
CA ILE A 430 -14.23 -6.83 1.38
C ILE A 430 -13.13 -6.31 2.32
N GLN A 431 -12.53 -7.21 3.08
CA GLN A 431 -11.43 -6.84 3.96
C GLN A 431 -10.31 -6.15 3.19
N LYS A 432 -9.88 -6.74 2.08
CA LYS A 432 -8.80 -6.11 1.31
C LYS A 432 -9.22 -4.79 0.67
N ALA A 433 -10.50 -4.63 0.34
CA ALA A 433 -10.96 -3.36 -0.20
C ALA A 433 -10.86 -2.28 0.86
N ILE A 434 -11.29 -2.59 2.07
CA ILE A 434 -11.20 -1.66 3.18
C ILE A 434 -9.74 -1.29 3.47
N ILE A 435 -8.88 -2.28 3.57
CA ILE A 435 -7.46 -2.03 3.84
C ILE A 435 -6.87 -1.15 2.75
N ALA A 436 -7.17 -1.42 1.48
CA ALA A 436 -6.67 -0.57 0.40
C ALA A 436 -7.13 0.87 0.57
N VAL A 437 -8.38 1.08 0.96
CA VAL A 437 -8.84 2.45 1.14
C VAL A 437 -8.10 3.14 2.29
N PHE A 438 -7.98 2.46 3.43
CA PHE A 438 -7.30 3.05 4.59
C PHE A 438 -5.80 3.26 4.41
N ASP A 439 -5.16 2.48 3.55
CA ASP A 439 -3.76 2.74 3.19
C ASP A 439 -3.64 4.12 2.54
N VAL A 440 -4.62 4.47 1.72
CA VAL A 440 -4.65 5.79 1.08
C VAL A 440 -5.00 6.89 2.09
N LEU A 441 -5.93 6.63 3.00
CA LEU A 441 -6.23 7.58 4.07
C LEU A 441 -5.00 7.87 4.92
N ARG A 442 -4.24 6.82 5.26
CA ARG A 442 -3.01 7.00 6.02
C ARG A 442 -2.00 7.87 5.27
N ALA A 443 -1.86 7.67 3.96
CA ALA A 443 -0.95 8.50 3.15
C ALA A 443 -1.40 9.96 3.10
N ILE A 444 -2.72 10.19 3.04
CA ILE A 444 -3.23 11.55 3.03
C ILE A 444 -2.87 12.20 4.34
N ASN A 445 -3.10 11.51 5.45
CA ASN A 445 -2.69 12.01 6.77
C ASN A 445 -1.21 12.37 6.86
N ALA A 446 -0.35 11.46 6.41
CA ALA A 446 1.09 11.70 6.46
C ALA A 446 1.46 12.92 5.62
N TYR A 447 0.80 13.08 4.48
CA TYR A 447 0.98 14.26 3.64
C TYR A 447 0.54 15.56 4.35
N VAL A 448 -0.59 15.52 5.03
CA VAL A 448 -1.09 16.69 5.77
C VAL A 448 -0.12 17.05 6.92
N THR A 449 0.35 16.06 7.65
CA THR A 449 1.36 16.29 8.68
C THR A 449 2.61 16.96 8.06
N ASP A 450 3.08 16.39 6.96
CA ASP A 450 4.23 16.90 6.24
C ASP A 450 4.08 18.36 5.81
N MET A 451 2.92 18.68 5.23
CA MET A 451 2.67 20.03 4.70
C MET A 451 2.25 21.06 5.75
N ALA A 452 1.68 20.60 6.87
CA ALA A 452 1.31 21.47 7.99
C ALA A 452 0.45 22.65 7.54
N PRO A 453 -0.72 22.36 6.94
CA PRO A 453 -1.56 23.40 6.36
C PRO A 453 -1.94 24.52 7.35
N TRP A 454 -2.01 24.19 8.64
CA TRP A 454 -2.24 25.20 9.68
C TRP A 454 -1.20 26.33 9.64
N LYS A 455 0.08 25.99 9.47
CA LYS A 455 1.13 27.00 9.30
C LYS A 455 1.01 27.74 7.97
N LEU A 456 0.59 27.04 6.93
CA LEU A 456 0.44 27.62 5.60
C LEU A 456 -0.63 28.71 5.52
N VAL A 457 -1.65 28.64 6.39
CA VAL A 457 -2.73 29.63 6.38
C VAL A 457 -2.22 31.05 6.48
N LYS A 458 -1.12 31.24 7.22
CA LYS A 458 -0.45 32.55 7.34
C LYS A 458 0.74 32.75 6.41
N THR A 459 1.49 31.69 6.14
CA THR A 459 2.78 31.81 5.45
C THR A 459 2.68 31.72 3.93
N ASP A 460 1.84 30.81 3.42
CA ASP A 460 1.70 30.62 1.98
C ASP A 460 0.27 30.20 1.64
N PRO A 461 -0.65 31.19 1.58
CA PRO A 461 -2.04 30.92 1.20
C PRO A 461 -2.16 30.22 -0.15
N GLU A 462 -1.32 30.59 -1.11
CA GLU A 462 -1.35 29.94 -2.43
C GLU A 462 -1.02 28.44 -2.32
N ARG A 463 0.01 28.11 -1.55
CA ARG A 463 0.37 26.70 -1.34
C ARG A 463 -0.75 25.94 -0.62
N LEU A 464 -1.38 26.60 0.36
CA LEU A 464 -2.50 26.00 1.07
C LEU A 464 -3.62 25.56 0.15
N ARG A 465 -3.91 26.34 -0.89
CA ARG A 465 -4.95 25.96 -1.86
C ARG A 465 -4.71 24.59 -2.47
N THR A 466 -3.46 24.33 -2.84
CA THR A 466 -3.08 23.06 -3.44
C THR A 466 -3.24 21.91 -2.45
N VAL A 467 -2.68 22.10 -1.26
CA VAL A 467 -2.69 21.07 -0.22
C VAL A 467 -4.12 20.74 0.21
N LEU A 468 -4.92 21.78 0.39
CA LEU A 468 -6.30 21.64 0.84
C LEU A 468 -7.17 20.96 -0.21
N TYR A 469 -7.02 21.36 -1.47
CA TYR A 469 -7.73 20.72 -2.56
C TYR A 469 -7.44 19.21 -2.66
N ILE A 470 -6.17 18.82 -2.60
CA ILE A 470 -5.79 17.40 -2.72
C ILE A 470 -6.36 16.63 -1.53
N THR A 471 -6.29 17.23 -0.35
CA THR A 471 -6.85 16.61 0.84
C THR A 471 -8.36 16.36 0.71
N LEU A 472 -9.11 17.39 0.31
CA LEU A 472 -10.55 17.26 0.09
C LEU A 472 -10.87 16.15 -0.90
N GLU A 473 -10.16 16.11 -2.01
CA GLU A 473 -10.46 15.17 -3.07
C GLU A 473 -10.09 13.75 -2.65
N GLY A 474 -8.99 13.58 -1.91
CA GLY A 474 -8.66 12.28 -1.35
C GLY A 474 -9.72 11.79 -0.38
N VAL A 475 -10.20 12.70 0.49
CA VAL A 475 -11.26 12.36 1.44
C VAL A 475 -12.54 11.95 0.70
N ARG A 476 -12.87 12.65 -0.39
CA ARG A 476 -14.09 12.37 -1.15
C ARG A 476 -14.04 11.00 -1.82
N VAL A 477 -12.92 10.71 -2.49
CA VAL A 477 -12.77 9.45 -3.21
C VAL A 477 -12.75 8.26 -2.25
N THR A 478 -12.00 8.37 -1.17
CA THR A 478 -11.91 7.27 -0.20
C THR A 478 -13.28 7.03 0.44
N THR A 479 -13.96 8.11 0.79
CA THR A 479 -15.31 8.04 1.35
C THR A 479 -16.32 7.42 0.39
N LEU A 480 -16.17 7.69 -0.90
CA LEU A 480 -17.04 7.11 -1.92
C LEU A 480 -16.89 5.59 -1.94
N LEU A 481 -15.65 5.13 -1.95
CA LEU A 481 -15.34 3.71 -1.96
C LEU A 481 -15.64 3.03 -0.64
N LEU A 482 -15.68 3.80 0.46
CA LEU A 482 -16.12 3.28 1.74
C LEU A 482 -17.62 3.36 1.97
N SER A 483 -18.37 3.97 1.06
CA SER A 483 -19.80 4.19 1.32
C SER A 483 -20.62 2.90 1.44
N PRO A 484 -20.22 1.81 0.73
CA PRO A 484 -20.87 0.52 1.00
C PRO A 484 -20.67 -0.02 2.43
N ILE A 485 -19.59 0.38 3.09
CA ILE A 485 -19.26 -0.06 4.45
C ILE A 485 -19.81 0.89 5.52
N LEU A 486 -19.76 2.18 5.24
CA LEU A 486 -20.21 3.21 6.17
C LEU A 486 -21.31 4.02 5.50
N PRO A 487 -22.46 3.40 5.25
CA PRO A 487 -23.50 4.06 4.48
C PRO A 487 -24.02 5.36 5.09
N ARG A 488 -24.21 5.41 6.40
CA ARG A 488 -24.74 6.62 7.02
C ARG A 488 -23.67 7.70 7.19
N LYS A 489 -22.47 7.28 7.56
CA LYS A 489 -21.38 8.21 7.82
C LYS A 489 -20.84 8.82 6.54
N SER A 490 -20.89 8.09 5.42
CA SER A 490 -20.45 8.64 4.15
C SER A 490 -21.34 9.81 3.74
N VAL A 491 -22.63 9.71 4.05
CA VAL A 491 -23.56 10.81 3.78
C VAL A 491 -23.21 12.05 4.61
N VAL A 492 -22.90 11.85 5.88
CA VAL A 492 -22.52 12.95 6.75
C VAL A 492 -21.25 13.61 6.21
N ILE A 493 -20.27 12.78 5.86
CA ILE A 493 -19.02 13.27 5.30
C ILE A 493 -19.26 14.06 4.01
N PHE A 494 -20.04 13.51 3.08
CA PHE A 494 -20.32 14.22 1.84
C PHE A 494 -21.03 15.54 2.10
N ASP A 495 -21.96 15.55 3.07
CA ASP A 495 -22.63 16.80 3.47
C ASP A 495 -21.66 17.84 4.00
N MET A 496 -20.73 17.41 4.86
CA MET A 496 -19.70 18.31 5.38
C MET A 496 -18.86 18.88 4.26
N LEU A 497 -18.49 18.03 3.32
CA LEU A 497 -17.71 18.46 2.15
C LEU A 497 -18.53 19.26 1.15
N GLY A 498 -19.85 19.23 1.29
CA GLY A 498 -20.73 19.89 0.34
C GLY A 498 -20.66 19.26 -1.04
N VAL A 499 -20.45 17.95 -1.09
CA VAL A 499 -20.44 17.22 -2.36
C VAL A 499 -21.88 17.10 -2.89
N PRO A 500 -22.16 17.66 -4.09
CA PRO A 500 -23.52 17.54 -4.66
C PRO A 500 -23.95 16.08 -4.79
N GLU A 501 -25.24 15.81 -4.61
CA GLU A 501 -25.82 14.45 -4.75
C GLU A 501 -25.33 13.66 -5.95
N VAL A 502 -25.36 14.29 -7.12
CA VAL A 502 -24.99 13.63 -8.37
C VAL A 502 -23.57 13.03 -8.32
N HIS A 503 -22.69 13.64 -7.52
CA HIS A 503 -21.31 13.17 -7.43
C HIS A 503 -21.08 12.08 -6.37
N ARG A 504 -22.14 11.66 -5.68
CA ARG A 504 -22.03 10.63 -4.62
C ARG A 504 -22.19 9.18 -5.12
N LYS A 505 -22.36 9.00 -6.44
CA LYS A 505 -22.37 7.67 -7.01
C LYS A 505 -21.95 7.74 -8.46
N GLY A 506 -21.75 6.58 -9.06
CA GLY A 506 -21.39 6.46 -10.48
C GLY A 506 -19.88 6.43 -10.69
N ILE A 507 -19.45 5.65 -11.67
CA ILE A 507 -18.01 5.45 -11.90
C ILE A 507 -17.35 6.72 -12.41
N GLU A 508 -18.15 7.61 -13.00
CA GLU A 508 -17.69 8.94 -13.39
C GLU A 508 -17.04 9.63 -12.20
N ASN A 509 -17.58 9.41 -11.02
CA ASN A 509 -17.09 10.08 -9.82
C ASN A 509 -16.00 9.34 -9.04
N PHE A 510 -15.56 8.21 -9.58
CA PHE A 510 -14.32 7.55 -9.12
C PHE A 510 -13.10 8.36 -9.58
N GLU A 511 -13.28 9.24 -10.57
CA GLU A 511 -12.16 9.98 -11.16
C GLU A 511 -11.75 11.17 -10.32
N PHE A 512 -10.43 11.36 -10.20
CA PHE A 512 -9.85 12.48 -9.49
C PHE A 512 -10.30 13.76 -10.17
N GLY A 513 -10.86 14.69 -9.40
CA GLY A 513 -11.25 16.01 -9.92
C GLY A 513 -12.72 16.18 -10.29
N ALA A 514 -13.60 15.34 -9.75
CA ALA A 514 -15.01 15.35 -10.15
C ALA A 514 -15.79 16.54 -9.56
N VAL A 515 -15.42 16.96 -8.36
CA VAL A 515 -16.07 18.10 -7.70
C VAL A 515 -15.26 19.37 -7.95
N PRO A 516 -15.89 20.37 -8.59
CA PRO A 516 -15.12 21.54 -9.01
C PRO A 516 -14.68 22.48 -7.88
N PRO A 517 -13.57 23.20 -8.10
CA PRO A 517 -13.22 24.30 -7.21
C PRO A 517 -14.33 25.33 -7.17
N GLY A 518 -14.60 25.85 -5.98
CA GLY A 518 -15.67 26.81 -5.78
C GLY A 518 -16.86 26.16 -5.08
N THR A 519 -16.93 24.84 -5.12
CA THR A 519 -17.96 24.12 -4.40
C THR A 519 -17.90 24.53 -2.93
N ARG A 520 -19.07 24.83 -2.35
CA ARG A 520 -19.14 25.30 -0.98
C ARG A 520 -19.26 24.13 -0.01
N LEU A 521 -18.57 24.21 1.12
CA LEU A 521 -18.73 23.19 2.15
C LEU A 521 -20.13 23.29 2.76
N GLY A 522 -20.58 22.19 3.33
CA GLY A 522 -21.84 22.18 4.06
C GLY A 522 -21.67 22.97 5.35
N PRO A 523 -22.78 23.31 6.00
CA PRO A 523 -22.64 24.15 7.18
C PRO A 523 -22.15 23.34 8.39
N ALA A 524 -21.41 23.99 9.28
CA ALA A 524 -20.91 23.35 10.49
C ALA A 524 -22.00 23.30 11.55
N VAL A 525 -21.96 22.29 12.41
CA VAL A 525 -22.81 22.22 13.59
C VAL A 525 -21.89 22.25 14.81
N GLU A 526 -22.09 23.24 15.68
CA GLU A 526 -21.20 23.47 16.82
C GLU A 526 -21.03 22.21 17.69
N GLY A 527 -19.80 21.69 17.72
CA GLY A 527 -19.46 20.54 18.57
C GLY A 527 -19.63 19.18 17.94
N GLU A 528 -20.12 19.12 16.71
CA GLU A 528 -20.34 17.83 16.02
C GLU A 528 -19.02 17.09 15.81
N VAL A 529 -19.09 15.76 15.85
CA VAL A 529 -17.94 14.91 15.53
C VAL A 529 -18.46 13.66 14.83
N LEU A 530 -17.70 13.16 13.87
CA LEU A 530 -18.08 11.98 13.09
C LEU A 530 -18.02 10.69 13.89
N PHE A 531 -16.83 10.39 14.40
CA PHE A 531 -16.63 9.24 15.28
C PHE A 531 -15.99 9.74 16.56
N SER A 532 -16.63 9.46 17.69
CA SER A 532 -16.10 9.89 18.99
C SER A 532 -15.33 8.73 19.62
N LYS A 533 -14.13 9.05 20.13
CA LYS A 533 -13.28 8.07 20.79
C LYS A 533 -13.96 7.56 22.05
N ARG A 534 -13.65 6.32 22.42
CA ARG A 534 -14.16 5.69 23.64
CA ARG A 534 -14.16 5.74 23.67
C ARG A 534 -12.99 5.29 24.54
N SER A 535 -13.21 5.32 25.85
CA SER A 535 -12.16 4.96 26.80
C SER A 535 -11.85 3.45 26.75
N THR A 536 -10.60 3.11 27.04
CA THR A 536 -10.14 1.71 27.02
C THR A 536 -10.81 0.85 28.12
N GLU A 537 -12.02 0.39 27.81
CA GLU A 537 -12.77 -0.55 28.64
C GLU A 537 -13.62 -1.47 27.75
N GLY B 1 -1.22 4.13 -12.82
CA GLY B 1 -1.08 5.01 -14.01
C GLY B 1 0.37 5.15 -14.42
N PRO B 2 0.61 5.85 -15.53
CA PRO B 2 1.99 6.06 -15.96
C PRO B 2 2.74 6.94 -14.99
N GLY B 3 4.05 6.76 -14.94
CA GLY B 3 4.92 7.71 -14.28
C GLY B 3 5.33 8.81 -15.22
N SER B 4 6.31 9.60 -14.78
CA SER B 4 6.76 10.74 -15.55
C SER B 4 7.59 10.24 -16.72
N MET B 5 7.56 10.95 -17.83
CA MET B 5 8.36 10.53 -18.97
C MET B 5 9.81 10.89 -18.71
N LYS B 6 10.69 10.41 -19.58
CA LYS B 6 12.10 10.67 -19.44
C LYS B 6 12.38 12.15 -19.57
N VAL B 7 13.35 12.64 -18.82
CA VAL B 7 13.87 13.97 -19.04
C VAL B 7 14.57 13.95 -20.40
N GLU B 8 14.69 15.12 -21.01
CA GLU B 8 15.37 15.25 -22.30
C GLU B 8 16.87 15.55 -22.13
N LYS B 9 17.22 16.26 -21.07
CA LYS B 9 18.61 16.58 -20.79
C LYS B 9 19.34 15.36 -20.22
N VAL B 10 20.60 15.53 -19.84
CA VAL B 10 21.29 14.53 -19.07
C VAL B 10 20.96 14.76 -17.60
N PHE B 11 20.40 13.73 -16.95
CA PHE B 11 20.00 13.84 -15.55
C PHE B 11 21.25 13.96 -14.68
N PHE B 12 21.32 15.06 -13.95
CA PHE B 12 22.54 15.46 -13.28
C PHE B 12 22.27 15.42 -11.78
N VAL B 13 22.95 14.49 -11.09
CA VAL B 13 22.77 14.28 -9.67
C VAL B 13 24.13 14.31 -8.99
N THR B 14 24.21 15.00 -7.86
CA THR B 14 25.49 15.23 -7.18
C THR B 14 25.45 14.82 -5.71
N SER B 15 26.61 14.51 -5.16
CA SER B 15 26.80 14.46 -3.71
C SER B 15 27.54 15.74 -3.30
N PRO B 16 27.65 16.01 -1.99
CA PRO B 16 28.59 17.06 -1.60
C PRO B 16 29.98 16.63 -1.96
N ILE B 17 30.92 17.57 -1.97
CA ILE B 17 32.33 17.19 -2.03
C ILE B 17 32.85 17.20 -0.60
N TYR B 18 33.70 16.24 -0.28
CA TYR B 18 34.03 15.93 1.10
C TYR B 18 35.39 16.49 1.51
N TYR B 19 35.49 17.00 2.74
CA TYR B 19 36.70 17.67 3.20
C TYR B 19 37.78 16.67 3.59
N VAL B 20 38.97 16.83 3.05
CA VAL B 20 40.02 15.81 3.19
C VAL B 20 40.87 15.90 4.46
N ASN B 21 40.38 16.56 5.50
CA ASN B 21 41.06 16.54 6.80
C ASN B 21 40.55 15.42 7.68
N ALA B 22 39.67 14.59 7.13
CA ALA B 22 39.23 13.37 7.81
C ALA B 22 39.16 12.25 6.79
N ALA B 23 39.32 11.03 7.30
CA ALA B 23 39.20 9.83 6.48
C ALA B 23 37.73 9.61 6.17
N PRO B 24 37.43 8.86 5.10
CA PRO B 24 36.05 8.53 4.80
C PRO B 24 35.35 7.84 5.98
N HIS B 25 34.09 8.19 6.21
CA HIS B 25 33.28 7.59 7.27
C HIS B 25 31.84 7.41 6.76
N ILE B 26 30.95 6.94 7.64
CA ILE B 26 29.58 6.58 7.29
C ILE B 26 28.76 7.72 6.68
N GLY B 27 28.93 8.93 7.20
CA GLY B 27 28.32 10.13 6.61
C GLY B 27 28.58 10.31 5.12
N HIS B 28 29.84 10.21 4.70
CA HIS B 28 30.20 10.33 3.28
C HIS B 28 29.63 9.19 2.47
N VAL B 29 29.71 7.98 3.01
CA VAL B 29 29.16 6.79 2.36
C VAL B 29 27.65 6.92 2.15
N TYR B 30 26.95 7.43 3.16
CA TYR B 30 25.50 7.61 3.10
C TYR B 30 25.08 8.61 2.01
N SER B 31 25.67 9.80 2.02
CA SER B 31 25.37 10.84 1.02
C SER B 31 25.62 10.34 -0.41
N THR B 32 26.78 9.71 -0.60
CA THR B 32 27.15 9.19 -1.91
C THR B 32 26.25 8.01 -2.36
N LEU B 33 25.75 7.22 -1.41
CA LEU B 33 24.80 6.13 -1.72
C LEU B 33 23.50 6.69 -2.31
N ILE B 34 22.95 7.72 -1.66
CA ILE B 34 21.74 8.34 -2.12
C ILE B 34 21.96 8.89 -3.53
N THR B 35 23.08 9.56 -3.75
CA THR B 35 23.44 10.04 -5.07
C THR B 35 23.49 8.88 -6.06
N ASP B 36 24.16 7.80 -5.67
CA ASP B 36 24.32 6.62 -6.53
C ASP B 36 22.99 5.99 -6.91
N VAL B 37 22.11 5.85 -5.93
CA VAL B 37 20.80 5.23 -6.13
C VAL B 37 19.93 6.04 -7.09
N ILE B 38 19.87 7.34 -6.84
CA ILE B 38 19.12 8.25 -7.69
C ILE B 38 19.65 8.15 -9.12
N GLY B 39 20.96 8.13 -9.27
CA GLY B 39 21.58 7.95 -10.59
C GLY B 39 21.23 6.63 -11.24
N ARG B 40 21.32 5.55 -10.49
CA ARG B 40 20.98 4.23 -11.01
C ARG B 40 19.51 4.16 -11.43
N TYR B 41 18.60 4.75 -10.65
CA TYR B 41 17.19 4.70 -11.02
C TYR B 41 16.99 5.33 -12.39
N HIS B 42 17.63 6.47 -12.61
CA HIS B 42 17.44 7.17 -13.87
C HIS B 42 18.11 6.45 -15.05
N ARG B 43 19.23 5.78 -14.81
CA ARG B 43 19.82 4.90 -15.84
C ARG B 43 18.87 3.75 -16.19
N VAL B 44 18.30 3.11 -15.18
CA VAL B 44 17.34 2.01 -15.40
C VAL B 44 16.08 2.50 -16.12
N LYS B 45 15.66 3.72 -15.82
CA LYS B 45 14.54 4.32 -16.53
C LYS B 45 14.88 4.54 -18.00
N GLY B 46 16.17 4.54 -18.32
CA GLY B 46 16.65 4.71 -19.70
C GLY B 46 17.05 6.13 -20.04
N GLU B 47 17.40 6.94 -19.04
CA GLU B 47 17.86 8.30 -19.27
C GLU B 47 19.37 8.35 -19.33
N ARG B 48 19.90 9.38 -19.96
CA ARG B 48 21.33 9.67 -19.85
C ARG B 48 21.55 10.26 -18.47
N VAL B 49 22.61 9.82 -17.79
CA VAL B 49 22.88 10.23 -16.42
C VAL B 49 24.32 10.62 -16.21
N PHE B 50 24.53 11.68 -15.43
CA PHE B 50 25.85 12.07 -14.93
C PHE B 50 25.79 12.27 -13.42
N ALA B 51 26.43 11.37 -12.69
CA ALA B 51 26.45 11.38 -11.22
C ALA B 51 27.84 11.82 -10.75
N LEU B 52 27.87 12.82 -9.89
CA LEU B 52 29.10 13.49 -9.50
C LEU B 52 29.31 13.40 -8.00
N THR B 53 30.54 13.15 -7.59
CA THR B 53 30.97 13.23 -6.17
C THR B 53 32.40 13.77 -6.14
N GLY B 54 33.01 13.92 -4.97
CA GLY B 54 34.41 14.35 -4.91
C GLY B 54 34.91 14.94 -3.62
N THR B 55 36.04 15.64 -3.70
CA THR B 55 36.74 16.13 -2.51
C THR B 55 37.05 17.63 -2.53
N ASP B 56 36.94 18.22 -1.34
CA ASP B 56 37.18 19.64 -1.06
C ASP B 56 38.57 19.65 -0.42
N GLU B 57 39.54 20.26 -1.11
CA GLU B 57 40.94 20.00 -0.81
C GLU B 57 41.76 21.20 -0.31
N HIS B 58 41.19 22.41 -0.37
CA HIS B 58 41.89 23.64 0.03
C HIS B 58 41.59 24.10 1.45
N GLY B 59 42.30 25.13 1.90
CA GLY B 59 42.02 25.76 3.19
C GLY B 59 43.03 25.45 4.28
N GLN B 60 42.95 26.22 5.36
CA GLN B 60 43.96 26.18 6.40
C GLN B 60 44.05 24.84 7.13
N LYS B 61 42.94 24.15 7.28
CA LYS B 61 42.93 22.92 8.06
C LYS B 61 43.59 21.74 7.32
N VAL B 62 43.45 21.72 6.00
CA VAL B 62 44.12 20.73 5.19
C VAL B 62 45.62 20.95 5.26
N ALA B 63 46.04 22.21 5.10
CA ALA B 63 47.47 22.56 5.19
C ALA B 63 48.05 22.18 6.56
N GLU B 64 47.30 22.48 7.62
CA GLU B 64 47.74 22.15 8.98
C GLU B 64 47.84 20.66 9.19
N ALA B 65 46.90 19.89 8.62
CA ALA B 65 46.93 18.43 8.72
C ALA B 65 48.15 17.86 7.99
N ALA B 66 48.45 18.41 6.81
CA ALA B 66 49.63 18.00 6.03
C ALA B 66 50.94 18.28 6.78
N LYS B 67 51.04 19.47 7.36
CA LYS B 67 52.19 19.87 8.17
C LYS B 67 52.40 18.87 9.32
N GLN B 68 51.30 18.54 10.01
CA GLN B 68 51.32 17.54 11.08
C GLN B 68 51.88 16.18 10.65
N LYS B 69 51.41 15.68 9.51
CA LYS B 69 51.93 14.42 8.93
C LYS B 69 53.30 14.59 8.25
N GLN B 70 53.81 15.82 8.21
CA GLN B 70 55.13 16.15 7.63
C GLN B 70 55.26 15.78 6.13
N VAL B 71 54.19 16.03 5.39
CA VAL B 71 54.17 15.87 3.93
C VAL B 71 53.63 17.15 3.32
N SER B 72 53.82 17.34 2.01
CA SER B 72 53.33 18.54 1.36
C SER B 72 51.80 18.47 1.29
N PRO B 73 51.14 19.63 1.29
CA PRO B 73 49.68 19.57 1.11
C PRO B 73 49.25 18.88 -0.17
N TYR B 74 50.04 18.99 -1.23
CA TYR B 74 49.74 18.32 -2.50
C TYR B 74 49.75 16.80 -2.38
N ASP B 75 50.71 16.26 -1.63
CA ASP B 75 50.78 14.83 -1.39
C ASP B 75 49.72 14.35 -0.41
N PHE B 76 49.42 15.18 0.60
CA PHE B 76 48.36 14.87 1.55
C PHE B 76 47.00 14.75 0.84
N THR B 77 46.65 15.77 0.06
CA THR B 77 45.35 15.79 -0.62
C THR B 77 45.24 14.68 -1.65
N THR B 78 46.32 14.39 -2.37
CA THR B 78 46.32 13.29 -3.35
C THR B 78 46.10 11.95 -2.66
N ALA B 79 46.72 11.75 -1.51
CA ALA B 79 46.55 10.49 -0.75
C ALA B 79 45.11 10.33 -0.21
N VAL B 80 44.57 11.37 0.42
CA VAL B 80 43.27 11.28 1.02
C VAL B 80 42.18 11.15 -0.05
N ALA B 81 42.30 11.92 -1.13
CA ALA B 81 41.40 11.75 -2.27
C ALA B 81 41.40 10.30 -2.73
N GLY B 82 42.58 9.68 -2.71
CA GLY B 82 42.74 8.27 -3.01
C GLY B 82 41.95 7.39 -2.07
N GLU B 83 41.98 7.70 -0.77
CA GLU B 83 41.19 6.94 0.21
C GLU B 83 39.69 7.02 -0.09
N PHE B 84 39.20 8.20 -0.44
CA PHE B 84 37.80 8.37 -0.80
C PHE B 84 37.44 7.60 -2.08
N LYS B 85 38.28 7.68 -3.11
CA LYS B 85 38.05 6.92 -4.34
C LYS B 85 37.98 5.41 -4.06
N LYS B 86 38.89 4.93 -3.24
CA LYS B 86 38.94 3.50 -2.89
C LYS B 86 37.70 3.11 -2.08
N CAS B 87 37.27 3.98 -1.19
CA CAS B 87 36.08 3.72 -0.38
CB CAS B 87 35.89 4.87 0.62
C CAS B 87 34.88 3.51 -1.26
O CAS B 87 34.11 2.58 -1.05
SG CAS B 87 34.40 4.70 1.54
AS CAS B 87 35.12 3.69 3.41
CE1 CAS B 87 36.82 2.67 3.19
CE2 CAS B 87 33.67 2.45 3.99
N PHE B 88 34.71 4.38 -2.26
CA PHE B 88 33.52 4.30 -3.12
C PHE B 88 33.60 3.15 -4.12
N GLU B 89 34.80 2.74 -4.49
CA GLU B 89 35.00 1.51 -5.26
C GLU B 89 34.57 0.31 -4.42
N GLN B 90 35.00 0.27 -3.17
CA GLN B 90 34.67 -0.83 -2.26
C GLN B 90 33.17 -0.93 -2.02
N MET B 91 32.52 0.22 -1.86
CA MET B 91 31.07 0.28 -1.69
C MET B 91 30.29 -0.07 -2.96
N ASP B 92 30.98 -0.15 -4.10
CA ASP B 92 30.39 -0.62 -5.35
C ASP B 92 29.37 0.39 -5.90
N TYR B 93 29.74 1.67 -5.82
CA TYR B 93 28.97 2.74 -6.45
C TYR B 93 29.27 2.84 -7.94
N SER B 94 28.45 3.60 -8.64
CA SER B 94 28.61 3.79 -10.06
C SER B 94 28.50 5.29 -10.33
N ILE B 95 29.41 6.03 -9.71
CA ILE B 95 29.50 7.47 -9.89
C ILE B 95 30.32 7.73 -11.15
N ASP B 96 29.87 8.66 -11.99
CA ASP B 96 30.47 8.89 -13.29
C ASP B 96 31.76 9.71 -13.23
N TYR B 97 31.87 10.63 -12.28
CA TYR B 97 33.09 11.41 -12.15
C TYR B 97 33.37 11.77 -10.70
N PHE B 98 34.66 11.76 -10.37
CA PHE B 98 35.17 12.14 -9.06
C PHE B 98 35.96 13.45 -9.21
N ILE B 99 35.41 14.55 -8.72
CA ILE B 99 36.03 15.86 -8.92
C ILE B 99 36.88 16.23 -7.72
N ARG B 100 38.06 16.79 -7.97
CA ARG B 100 38.94 17.29 -6.92
C ARG B 100 39.14 18.79 -7.12
N THR B 101 38.99 19.58 -6.06
CA THR B 101 39.06 21.04 -6.20
C THR B 101 40.46 21.56 -6.55
N THR B 102 41.50 20.74 -6.40
CA THR B 102 42.85 21.10 -6.86
C THR B 102 43.01 20.98 -8.38
N ASN B 103 42.00 20.44 -9.05
CA ASN B 103 42.04 20.32 -10.50
C ASN B 103 42.09 21.72 -11.15
N GLU B 104 42.90 21.84 -12.20
CA GLU B 104 43.12 23.12 -12.87
C GLU B 104 41.87 23.61 -13.59
N GLN B 105 41.12 22.68 -14.15
CA GLN B 105 39.89 23.02 -14.84
C GLN B 105 38.86 23.57 -13.85
N HIS B 106 38.84 23.02 -12.64
CA HIS B 106 37.98 23.56 -11.59
C HIS B 106 38.40 24.97 -11.24
N LYS B 107 39.70 25.18 -11.08
CA LYS B 107 40.20 26.50 -10.75
C LYS B 107 39.84 27.54 -11.81
N ALA B 108 39.92 27.15 -13.08
CA ALA B 108 39.51 28.01 -14.17
C ALA B 108 38.05 28.44 -14.07
N VAL B 109 37.18 27.50 -13.70
CA VAL B 109 35.75 27.77 -13.57
C VAL B 109 35.47 28.67 -12.38
N VAL B 110 36.17 28.45 -11.26
CA VAL B 110 36.06 29.33 -10.10
C VAL B 110 36.48 30.77 -10.45
N LYS B 111 37.52 30.93 -11.26
CA LYS B 111 37.97 32.28 -11.65
C LYS B 111 36.93 32.95 -12.53
N GLU B 112 36.34 32.19 -13.46
CA GLU B 112 35.27 32.72 -14.32
C GLU B 112 34.09 33.21 -13.50
N LEU B 113 33.58 32.33 -12.63
CA LEU B 113 32.40 32.66 -11.83
C LEU B 113 32.69 33.87 -10.94
N TRP B 114 33.86 33.87 -10.30
CA TRP B 114 34.26 34.99 -9.49
C TRP B 114 34.19 36.27 -10.31
N THR B 115 34.85 36.24 -11.47
CA THR B 115 34.98 37.42 -12.33
C THR B 115 33.62 37.93 -12.79
N LYS B 116 32.70 37.01 -13.06
CA LYS B 116 31.34 37.37 -13.44
C LYS B 116 30.62 38.12 -12.31
N LEU B 117 30.71 37.61 -11.10
CA LEU B 117 30.09 38.24 -9.93
C LEU B 117 30.68 39.63 -9.65
N GLU B 118 32.00 39.73 -9.77
CA GLU B 118 32.69 41.00 -9.53
C GLU B 118 32.28 42.01 -10.59
N GLN B 119 32.27 41.61 -11.86
CA GLN B 119 31.85 42.51 -12.94
C GLN B 119 30.38 42.94 -12.82
N LYS B 120 29.53 42.08 -12.28
CA LYS B 120 28.14 42.45 -11.97
C LYS B 120 28.02 43.48 -10.83
N GLY B 121 29.07 43.63 -10.03
CA GLY B 121 29.03 44.45 -8.82
C GLY B 121 28.45 43.73 -7.62
N ASP B 122 28.36 42.41 -7.69
CA ASP B 122 27.83 41.59 -6.59
C ASP B 122 28.96 41.12 -5.64
N ILE B 123 30.21 41.22 -6.08
CA ILE B 123 31.36 41.14 -5.20
C ILE B 123 32.08 42.48 -5.23
N TYR B 124 32.43 43.01 -4.07
CA TYR B 124 33.19 44.28 -3.96
C TYR B 124 34.31 44.14 -2.92
N LEU B 125 35.32 45.00 -3.01
CA LEU B 125 36.46 44.96 -2.10
C LEU B 125 36.37 46.08 -1.06
N GLY B 126 36.44 45.74 0.22
CA GLY B 126 36.46 46.75 1.27
C GLY B 126 37.39 46.38 2.41
N ARG B 127 37.69 47.35 3.25
CA ARG B 127 38.53 47.12 4.42
C ARG B 127 37.64 46.74 5.59
N TYR B 128 37.80 45.52 6.10
CA TYR B 128 37.08 45.08 7.28
C TYR B 128 37.88 45.40 8.53
N GLU B 129 37.22 45.99 9.53
CA GLU B 129 37.83 46.14 10.86
C GLU B 129 36.90 45.63 11.93
N GLY B 130 37.38 44.67 12.72
CA GLY B 130 36.60 44.03 13.77
C GLY B 130 37.15 42.66 14.16
N TRP B 131 36.31 41.86 14.80
CA TRP B 131 36.76 40.60 15.36
C TRP B 131 36.78 39.48 14.32
N TYR B 132 37.75 38.58 14.48
CA TYR B 132 37.88 37.39 13.64
C TYR B 132 38.35 36.23 14.51
N SER B 133 37.62 35.12 14.46
CA SER B 133 38.07 33.87 15.07
C SER B 133 38.89 33.12 14.03
N ILE B 134 40.16 32.88 14.34
CA ILE B 134 41.05 32.18 13.42
C ILE B 134 40.63 30.70 13.37
N SER B 135 40.44 30.12 14.55
CA SER B 135 40.04 28.73 14.67
C SER B 135 38.68 28.41 14.00
N ASP B 136 37.70 29.30 14.17
CA ASP B 136 36.37 29.12 13.57
C ASP B 136 36.31 29.62 12.12
N GLU B 137 37.33 30.37 11.71
CA GLU B 137 37.44 30.92 10.36
C GLU B 137 36.29 31.89 10.06
N SER B 138 35.86 32.64 11.09
CA SER B 138 34.67 33.49 11.02
C SER B 138 34.93 34.92 11.47
N PHE B 139 34.38 35.86 10.70
CA PHE B 139 34.24 37.25 11.17
C PHE B 139 33.08 37.29 12.18
N LEU B 140 33.31 37.91 13.32
CA LEU B 140 32.30 38.02 14.36
C LEU B 140 32.00 39.50 14.64
N THR B 141 30.73 39.82 14.90
CA THR B 141 30.35 41.17 15.32
C THR B 141 30.63 41.33 16.81
N PRO B 142 30.72 42.59 17.30
CA PRO B 142 31.04 42.82 18.73
C PRO B 142 30.10 42.14 19.72
N GLN B 143 28.84 41.91 19.34
CA GLN B 143 27.87 41.25 20.23
C GLN B 143 28.01 39.73 20.27
N ASN B 144 28.76 39.14 19.33
CA ASN B 144 29.00 37.69 19.30
C ASN B 144 30.26 37.26 20.07
N ILE B 145 30.80 38.15 20.89
CA ILE B 145 32.01 37.84 21.67
C ILE B 145 31.76 38.02 23.18
N THR B 146 32.71 37.56 23.97
CA THR B 146 32.69 37.76 25.42
C THR B 146 34.07 37.41 26.01
N ASP B 147 34.26 37.66 27.31
CA ASP B 147 35.57 37.46 27.94
C ASP B 147 35.87 35.99 28.26
N GLY B 148 37.16 35.64 28.28
CA GLY B 148 37.58 34.26 28.53
C GLY B 148 39.10 34.10 28.64
N VAL B 149 39.54 32.86 28.88
CA VAL B 149 40.95 32.56 29.09
C VAL B 149 41.66 32.31 27.75
N ASP B 150 42.95 32.67 27.70
CA ASP B 150 43.85 32.42 26.57
C ASP B 150 43.37 31.35 25.60
N ASN B 154 45.57 33.49 30.40
CA ASN B 154 45.37 34.91 30.69
C ASN B 154 44.20 35.53 29.89
N PRO B 155 43.52 36.55 30.48
CA PRO B 155 42.26 37.08 29.94
C PRO B 155 42.33 37.56 28.48
N CYS B 156 41.25 37.33 27.74
CA CYS B 156 41.16 37.70 26.34
C CYS B 156 39.70 37.78 25.89
N LYS B 157 39.49 38.00 24.60
CA LYS B 157 38.15 37.90 24.03
C LYS B 157 37.99 36.56 23.30
N VAL B 158 36.81 35.97 23.41
CA VAL B 158 36.48 34.68 22.79
C VAL B 158 35.09 34.73 22.15
N SER B 159 34.86 33.86 21.18
CA SER B 159 33.54 33.75 20.56
C SER B 159 32.51 33.22 21.55
N LEU B 160 31.32 33.83 21.54
CA LEU B 160 30.21 33.41 22.38
C LEU B 160 29.75 32.00 22.03
N GLU B 161 29.90 31.63 20.76
CA GLU B 161 29.45 30.34 20.23
C GLU B 161 30.40 29.20 20.58
N SER B 162 31.65 29.30 20.15
CA SER B 162 32.61 28.19 20.25
C SER B 162 33.59 28.31 21.41
N GLY B 163 33.75 29.52 21.95
CA GLY B 163 34.68 29.76 23.05
C GLY B 163 36.14 29.91 22.66
N HIS B 164 36.45 29.83 21.36
CA HIS B 164 37.82 30.00 20.89
C HIS B 164 38.20 31.48 20.87
N VAL B 165 39.50 31.74 20.82
CA VAL B 165 40.03 33.10 20.90
C VAL B 165 39.69 33.88 19.64
N VAL B 166 39.24 35.12 19.82
CA VAL B 166 39.02 36.04 18.69
C VAL B 166 40.09 37.13 18.70
N THR B 167 40.49 37.55 17.51
CA THR B 167 41.50 38.58 17.33
C THR B 167 40.84 39.77 16.62
N TRP B 168 41.24 40.98 17.01
CA TRP B 168 40.87 42.18 16.26
C TRP B 168 41.77 42.31 15.04
N VAL B 169 41.18 42.42 13.85
CA VAL B 169 41.94 42.53 12.62
C VAL B 169 41.53 43.74 11.78
N SER B 170 42.42 44.11 10.86
CA SER B 170 42.15 45.16 9.89
C SER B 170 42.74 44.73 8.55
N GLU B 171 41.88 44.27 7.64
CA GLU B 171 42.30 43.70 6.35
C GLU B 171 41.34 44.09 5.24
N GLU B 172 41.86 44.22 4.03
CA GLU B 172 41.04 44.22 2.85
C GLU B 172 40.40 42.84 2.69
N ASN B 173 39.17 42.81 2.21
CA ASN B 173 38.39 41.58 2.11
C ASN B 173 37.29 41.70 1.06
N TYR B 174 37.04 40.62 0.34
CA TYR B 174 36.01 40.63 -0.71
C TYR B 174 34.72 40.06 -0.15
N MET B 175 33.64 40.82 -0.33
CA MET B 175 32.31 40.46 0.16
C MET B 175 31.39 40.23 -1.01
N PHE B 176 30.63 39.14 -0.95
CA PHE B 176 29.49 38.95 -1.85
C PHE B 176 28.21 39.56 -1.23
N ARG B 177 27.46 40.32 -2.03
CA ARG B 177 26.34 41.14 -1.53
C ARG B 177 25.06 40.32 -1.39
N LEU B 178 25.14 39.30 -0.53
CA LEU B 178 24.07 38.35 -0.35
C LEU B 178 22.77 39.02 0.07
N SER B 179 22.86 40.10 0.84
CA SER B 179 21.69 40.83 1.31
C SER B 179 20.81 41.30 0.15
N ALA B 180 21.40 41.59 -1.00
CA ALA B 180 20.64 42.08 -2.15
C ALA B 180 19.81 41.01 -2.86
N PHE B 181 19.93 39.74 -2.43
CA PHE B 181 19.26 38.60 -3.10
C PHE B 181 18.07 38.03 -2.34
N ARG B 182 17.74 38.60 -1.19
CA ARG B 182 16.62 38.13 -0.38
C ARG B 182 15.33 37.94 -1.19
N GLU B 183 14.84 38.99 -1.83
CA GLU B 183 13.57 38.89 -2.59
C GLU B 183 13.62 37.86 -3.71
N ARG B 184 14.69 37.86 -4.52
CA ARG B 184 14.81 36.88 -5.60
C ARG B 184 14.83 35.43 -5.08
N LEU B 185 15.49 35.19 -3.94
CA LEU B 185 15.50 33.86 -3.34
C LEU B 185 14.12 33.44 -2.88
N LEU B 186 13.42 34.36 -2.21
CA LEU B 186 12.07 34.12 -1.77
C LEU B 186 11.11 33.87 -2.92
N GLU B 187 11.26 34.59 -4.03
CA GLU B 187 10.44 34.31 -5.21
C GLU B 187 10.74 32.91 -5.76
N TRP B 188 12.01 32.51 -5.76
CA TRP B 188 12.38 31.18 -6.23
C TRP B 188 11.77 30.06 -5.39
N TYR B 189 11.87 30.17 -4.06
CA TYR B 189 11.28 29.15 -3.19
C TYR B 189 9.75 29.06 -3.38
N HIS B 190 9.07 30.20 -3.47
CA HIS B 190 7.62 30.16 -3.58
CA HIS B 190 7.61 30.24 -3.61
C HIS B 190 7.17 29.70 -4.97
N ALA B 191 7.92 30.05 -6.01
CA ALA B 191 7.60 29.56 -7.36
C ALA B 191 7.88 28.06 -7.54
N ASN B 192 8.74 27.50 -6.71
CA ASN B 192 9.16 26.10 -6.86
C ASN B 192 9.06 25.37 -5.52
N PRO B 193 7.82 25.11 -5.06
CA PRO B 193 7.63 24.66 -3.68
C PRO B 193 8.05 23.21 -3.39
N GLY B 194 8.60 22.52 -4.39
CA GLY B 194 9.27 21.23 -4.15
C GLY B 194 10.79 21.28 -4.31
N CYS B 195 11.38 22.46 -4.40
CA CYS B 195 12.79 22.58 -4.71
C CYS B 195 13.71 22.18 -3.54
N ILE B 196 13.16 22.08 -2.33
CA ILE B 196 13.91 21.62 -1.17
C ILE B 196 13.11 20.55 -0.42
N VAL B 197 13.74 19.41 -0.14
CA VAL B 197 13.10 18.27 0.46
C VAL B 197 13.99 17.79 1.59
N PRO B 198 13.41 17.37 2.72
CA PRO B 198 11.97 17.31 3.05
C PRO B 198 11.37 18.68 3.40
N GLU B 199 10.05 18.71 3.44
CA GLU B 199 9.29 19.95 3.53
C GLU B 199 9.66 20.80 4.72
N PHE B 200 9.87 20.20 5.90
CA PHE B 200 10.17 21.00 7.11
C PHE B 200 11.52 21.72 6.99
N ARG B 201 12.41 21.18 6.17
CA ARG B 201 13.69 21.80 5.90
C ARG B 201 13.53 22.97 4.96
N ARG B 202 12.62 22.82 4.01
CA ARG B 202 12.26 23.90 3.13
C ARG B 202 11.72 25.09 3.91
N ARG B 203 10.83 24.83 4.84
CA ARG B 203 10.23 25.88 5.68
C ARG B 203 11.29 26.60 6.51
N GLU B 204 12.29 25.86 7.02
CA GLU B 204 13.40 26.46 7.77
C GLU B 204 14.22 27.45 6.93
N VAL B 205 14.53 27.07 5.69
CA VAL B 205 15.30 27.92 4.81
C VAL B 205 14.53 29.19 4.51
N ILE B 206 13.24 29.05 4.24
CA ILE B 206 12.41 30.20 3.95
C ILE B 206 12.34 31.16 5.15
N ARG B 207 12.15 30.63 6.34
CA ARG B 207 12.10 31.46 7.55
C ARG B 207 13.39 32.28 7.72
N ALA B 208 14.54 31.62 7.58
CA ALA B 208 15.83 32.28 7.69
C ALA B 208 16.00 33.42 6.68
N VAL B 209 15.63 33.18 5.43
CA VAL B 209 15.77 34.21 4.39
C VAL B 209 14.79 35.37 4.65
N GLU B 210 13.58 35.05 5.09
CA GLU B 210 12.60 36.07 5.47
C GLU B 210 13.14 37.04 6.54
N LYS B 211 13.90 36.53 7.51
CA LYS B 211 14.50 37.38 8.55
C LYS B 211 15.56 38.36 8.03
N GLY B 212 15.99 38.24 6.77
CA GLY B 212 17.05 39.07 6.22
C GLY B 212 18.36 38.30 6.13
N LEU B 213 19.23 38.70 5.21
CA LEU B 213 20.51 38.03 5.00
C LEU B 213 21.67 39.01 5.13
N PRO B 214 22.70 38.64 5.91
CA PRO B 214 23.93 39.45 5.87
C PRO B 214 24.71 39.21 4.59
N ASP B 215 25.57 40.15 4.22
CA ASP B 215 26.51 39.92 3.11
C ASP B 215 27.51 38.85 3.56
N LEU B 216 28.19 38.24 2.59
CA LEU B 216 28.99 37.05 2.83
C LEU B 216 30.42 37.24 2.40
N SER B 217 31.36 36.94 3.29
CA SER B 217 32.77 37.08 2.97
C SER B 217 33.25 35.91 2.12
N VAL B 218 33.81 36.22 0.94
CA VAL B 218 34.21 35.18 -0.02
C VAL B 218 35.72 35.05 -0.28
N SER B 219 36.52 35.86 0.42
CA SER B 219 37.98 35.71 0.38
C SER B 219 38.58 35.68 1.78
N ARG B 220 39.78 35.11 1.89
CA ARG B 220 40.63 35.31 3.07
C ARG B 220 42.02 35.70 2.59
N ALA B 221 42.78 36.38 3.44
CA ALA B 221 44.18 36.70 3.12
C ALA B 221 44.99 35.41 3.02
N ARG B 222 46.00 35.41 2.14
CA ARG B 222 46.73 34.18 1.84
C ARG B 222 47.42 33.55 3.04
N ALA B 223 47.95 34.36 3.95
CA ALA B 223 48.58 33.83 5.16
C ALA B 223 47.58 33.07 6.04
N THR B 224 46.32 33.49 6.04
CA THR B 224 45.28 32.83 6.84
C THR B 224 45.07 31.39 6.39
N LEU B 225 45.17 31.16 5.07
CA LEU B 225 44.97 29.86 4.47
C LEU B 225 46.28 29.11 4.19
N HIS B 226 47.39 29.60 4.75
CA HIS B 226 48.69 28.97 4.55
C HIS B 226 49.01 28.81 3.06
N ASN B 227 48.57 29.77 2.26
CA ASN B 227 48.79 29.76 0.83
C ASN B 227 48.33 28.48 0.14
N TRP B 228 47.24 27.90 0.65
CA TRP B 228 46.71 26.66 0.10
C TRP B 228 45.26 26.88 -0.32
N ALA B 229 45.11 27.53 -1.46
CA ALA B 229 43.81 27.92 -1.98
C ALA B 229 43.98 28.52 -3.37
N ILE B 230 42.85 28.80 -4.02
CA ILE B 230 42.83 29.43 -5.32
C ILE B 230 42.96 30.93 -5.15
N PRO B 231 43.88 31.58 -5.88
CA PRO B 231 44.00 33.03 -5.83
C PRO B 231 42.80 33.79 -6.40
N VAL B 232 42.42 34.87 -5.74
CA VAL B 232 41.44 35.79 -6.28
C VAL B 232 41.99 36.35 -7.60
N PRO B 233 41.21 36.28 -8.69
CA PRO B 233 41.62 36.86 -9.97
C PRO B 233 42.03 38.32 -9.86
N GLY B 234 43.24 38.61 -10.32
CA GLY B 234 43.74 39.98 -10.29
C GLY B 234 44.25 40.43 -8.93
N ASN B 235 44.26 39.54 -7.93
CA ASN B 235 44.73 39.92 -6.59
C ASN B 235 45.45 38.79 -5.84
N PRO B 236 46.74 38.61 -6.12
CA PRO B 236 47.57 37.54 -5.55
C PRO B 236 47.67 37.53 -4.02
N ASP B 237 47.28 38.60 -3.35
CA ASP B 237 47.35 38.64 -1.89
C ASP B 237 46.16 37.98 -1.21
N HIS B 238 45.11 37.67 -1.97
CA HIS B 238 43.89 37.10 -1.43
C HIS B 238 43.50 35.82 -2.12
N CAS B 239 42.77 34.98 -1.38
CA CAS B 239 42.39 33.67 -1.82
CB CAS B 239 43.00 32.60 -0.92
C CAS B 239 40.88 33.48 -1.76
O CAS B 239 40.20 34.00 -0.87
SG CAS B 239 44.76 32.74 -0.72
AS CAS B 239 45.52 31.94 -2.60
CE1 CAS B 239 46.50 33.43 -3.49
CE2 CAS B 239 46.89 30.58 -2.19
N VAL B 240 40.36 32.74 -2.73
CA VAL B 240 38.94 32.37 -2.75
C VAL B 240 38.66 31.43 -1.57
N TYR B 241 37.70 31.79 -0.73
CA TYR B 241 37.36 30.98 0.44
C TYR B 241 36.42 29.83 0.03
N VAL B 242 35.94 29.04 1.00
CA VAL B 242 35.22 27.81 0.71
C VAL B 242 34.02 28.00 -0.22
N TRP B 243 33.29 29.09 -0.07
CA TRP B 243 31.97 29.21 -0.71
C TRP B 243 32.05 29.15 -2.24
N LEU B 244 32.82 30.03 -2.87
CA LEU B 244 32.95 30.02 -4.33
C LEU B 244 33.97 29.00 -4.87
N ASP B 245 34.73 28.37 -3.98
CA ASP B 245 35.57 27.24 -4.36
C ASP B 245 34.73 25.94 -4.38
N ALA B 246 34.24 25.54 -3.22
CA ALA B 246 33.59 24.22 -3.08
C ALA B 246 32.26 24.10 -3.85
N LEU B 247 31.39 25.10 -3.75
CA LEU B 247 30.06 25.00 -4.35
C LEU B 247 30.14 24.99 -5.86
N THR B 248 31.14 25.70 -6.38
CA THR B 248 31.38 25.75 -7.81
C THR B 248 31.71 24.38 -8.44
N ASN B 249 32.05 23.38 -7.64
CA ASN B 249 32.41 22.07 -8.19
C ASN B 249 31.31 21.49 -9.09
N TYR B 250 30.06 21.82 -8.75
CA TYR B 250 28.90 21.36 -9.50
C TYR B 250 28.91 21.96 -10.92
N LEU B 251 29.32 23.22 -11.02
CA LEU B 251 29.40 23.88 -12.31
C LEU B 251 30.58 23.30 -13.09
N THR B 252 31.74 23.18 -12.46
CA THR B 252 32.87 22.54 -13.12
C THR B 252 32.51 21.17 -13.67
N GLY B 253 31.94 20.33 -12.81
CA GLY B 253 31.59 18.97 -13.19
C GLY B 253 30.67 18.93 -14.39
N SER B 254 29.76 19.90 -14.47
CA SER B 254 28.79 19.93 -15.57
C SER B 254 29.42 20.25 -16.91
N ARG B 255 30.67 20.71 -16.90
CA ARG B 255 31.35 21.16 -18.09
C ARG B 255 32.56 20.29 -18.47
N LEU B 256 32.79 19.20 -17.74
CA LEU B 256 33.92 18.31 -18.03
C LEU B 256 33.56 17.12 -18.92
N ARG B 257 34.16 17.07 -20.10
CA ARG B 257 34.20 15.85 -20.89
C ARG B 257 35.07 14.79 -20.20
N VAL B 258 34.53 13.58 -20.06
CA VAL B 258 35.18 12.51 -19.30
C VAL B 258 35.38 11.31 -20.20
N ASP B 259 36.58 10.71 -20.16
CA ASP B 259 36.89 9.53 -20.99
C ASP B 259 36.35 8.23 -20.37
N GLU B 260 36.50 7.13 -21.10
CA GLU B 260 36.04 5.81 -20.66
C GLU B 260 36.66 5.39 -19.32
N SER B 261 37.86 5.89 -19.02
CA SER B 261 38.56 5.53 -17.77
C SER B 261 38.18 6.41 -16.56
N GLY B 262 37.26 7.35 -16.74
CA GLY B 262 36.82 8.24 -15.66
C GLY B 262 37.67 9.48 -15.48
N LYS B 263 38.69 9.65 -16.33
CA LYS B 263 39.56 10.82 -16.25
C LYS B 263 39.03 11.99 -17.09
N GLU B 264 39.09 13.18 -16.50
CA GLU B 264 38.72 14.43 -17.17
C GLU B 264 39.65 14.71 -18.33
N VAL B 265 39.06 15.00 -19.48
CA VAL B 265 39.80 15.19 -20.70
C VAL B 265 39.73 16.64 -21.19
N SER B 266 38.70 17.38 -20.79
CA SER B 266 38.42 18.65 -21.46
C SER B 266 37.35 19.45 -20.73
N LEU B 267 37.54 20.76 -20.66
CA LEU B 267 36.56 21.68 -20.10
C LEU B 267 35.90 22.46 -21.23
N VAL B 268 34.60 22.23 -21.45
CA VAL B 268 33.85 23.01 -22.44
C VAL B 268 33.55 24.42 -21.90
N ASP B 269 33.35 25.36 -22.82
CA ASP B 269 33.05 26.77 -22.46
C ASP B 269 31.60 26.97 -22.02
N ASP B 270 30.69 26.38 -22.77
CA ASP B 270 29.25 26.56 -22.57
C ASP B 270 28.66 25.31 -21.90
N PHE B 271 28.17 25.48 -20.67
CA PHE B 271 27.56 24.36 -19.92
C PHE B 271 26.48 23.64 -20.70
N ASN B 272 25.69 24.38 -21.48
CA ASN B 272 24.65 23.76 -22.30
C ASN B 272 25.15 22.72 -23.30
N GLU B 273 26.45 22.72 -23.60
CA GLU B 273 26.96 21.74 -24.57
C GLU B 273 26.79 20.30 -24.07
N LEU B 274 26.93 20.07 -22.77
CA LEU B 274 26.84 18.73 -22.20
C LEU B 274 25.48 18.41 -21.55
N GLU B 275 24.61 19.41 -21.47
CA GLU B 275 23.20 19.23 -21.07
C GLU B 275 23.01 18.70 -19.64
N ARG B 276 23.95 19.01 -18.75
CA ARG B 276 23.88 18.57 -17.36
C ARG B 276 23.43 19.69 -16.43
N PHE B 277 24.07 20.86 -16.54
CA PHE B 277 23.75 21.95 -15.64
C PHE B 277 22.37 22.50 -15.94
N PRO B 278 21.57 22.83 -14.91
CA PRO B 278 21.81 22.73 -13.48
C PRO B 278 21.45 21.35 -12.96
N ALA B 279 21.92 21.02 -11.76
CA ALA B 279 21.64 19.72 -11.17
C ALA B 279 20.14 19.49 -11.06
N ASP B 280 19.74 18.27 -11.37
CA ASP B 280 18.36 17.87 -11.17
C ASP B 280 18.13 17.57 -9.68
N VAL B 281 19.15 16.98 -9.04
CA VAL B 281 19.12 16.76 -7.60
C VAL B 281 20.50 16.98 -6.98
N HIS B 282 20.60 17.88 -6.00
CA HIS B 282 21.77 17.96 -5.12
C HIS B 282 21.47 17.19 -3.86
N VAL B 283 22.22 16.13 -3.59
CA VAL B 283 22.10 15.42 -2.32
C VAL B 283 23.07 16.04 -1.31
N ILE B 284 22.59 16.34 -0.11
CA ILE B 284 23.41 16.91 0.95
C ILE B 284 22.96 16.47 2.34
N GLY B 285 23.83 16.64 3.32
CA GLY B 285 23.46 16.48 4.72
C GLY B 285 22.80 17.77 5.20
N LYS B 286 21.94 17.65 6.22
CA LYS B 286 21.23 18.81 6.78
C LYS B 286 22.14 19.94 7.22
N ASP B 287 23.37 19.62 7.59
CA ASP B 287 24.36 20.59 8.09
C ASP B 287 24.81 21.67 7.09
N ILE B 288 24.67 21.40 5.79
CA ILE B 288 25.09 22.33 4.76
C ILE B 288 23.91 22.81 3.87
N LEU B 289 22.69 22.64 4.38
CA LEU B 289 21.47 23.06 3.66
C LEU B 289 21.45 24.54 3.33
N LYS B 290 21.81 25.38 4.30
CA LYS B 290 21.80 26.81 4.06
C LYS B 290 22.83 27.24 3.01
N PHE B 291 23.95 26.54 2.95
CA PHE B 291 24.98 26.89 1.98
C PHE B 291 24.50 26.57 0.56
N HIS B 292 23.78 25.46 0.43
CA HIS B 292 23.28 25.03 -0.88
C HIS B 292 21.96 25.67 -1.31
N ALA B 293 21.13 26.07 -0.35
CA ALA B 293 19.80 26.61 -0.70
C ALA B 293 19.72 28.14 -0.62
N ILE B 294 20.73 28.78 -0.03
CA ILE B 294 20.80 30.25 0.04
C ILE B 294 21.99 30.82 -0.75
N TYR B 295 23.22 30.46 -0.36
CA TYR B 295 24.43 30.99 -0.98
C TYR B 295 24.57 30.60 -2.45
N TRP B 296 24.50 29.30 -2.70
CA TRP B 296 24.68 28.72 -4.04
C TRP B 296 23.71 29.34 -5.05
N PRO B 297 22.40 29.29 -4.79
CA PRO B 297 21.48 29.94 -5.75
C PRO B 297 21.71 31.45 -5.93
N ALA B 298 22.07 32.16 -4.86
CA ALA B 298 22.42 33.57 -4.99
C ALA B 298 23.58 33.76 -5.98
N PHE B 299 24.62 32.93 -5.85
CA PHE B 299 25.74 32.97 -6.77
C PHE B 299 25.27 32.76 -8.22
N LEU B 300 24.34 31.82 -8.41
CA LEU B 300 23.81 31.48 -9.74
C LEU B 300 22.91 32.59 -10.27
N LEU B 301 22.09 33.18 -9.41
CA LEU B 301 21.30 34.35 -9.80
C LEU B 301 22.20 35.50 -10.27
N SER B 302 23.27 35.78 -9.52
CA SER B 302 24.18 36.84 -9.87
C SER B 302 24.80 36.60 -11.25
N ALA B 303 25.20 35.36 -11.50
CA ALA B 303 25.89 35.01 -12.74
C ALA B 303 24.95 34.81 -13.94
N GLY B 304 23.64 34.84 -13.71
CA GLY B 304 22.67 34.58 -14.77
C GLY B 304 22.58 33.11 -15.18
N LEU B 305 22.91 32.20 -14.26
CA LEU B 305 22.87 30.76 -14.54
C LEU B 305 21.61 30.12 -14.01
N PRO B 306 21.16 29.02 -14.63
CA PRO B 306 19.97 28.35 -14.12
C PRO B 306 20.16 27.69 -12.74
N LEU B 307 19.09 27.62 -11.97
CA LEU B 307 19.15 27.12 -10.59
C LEU B 307 18.83 25.63 -10.54
N PRO B 308 19.34 24.93 -9.53
CA PRO B 308 19.04 23.49 -9.39
C PRO B 308 17.55 23.23 -9.25
N LYS B 309 17.08 22.09 -9.74
CA LYS B 309 15.68 21.73 -9.60
C LYS B 309 15.34 21.33 -8.17
N LYS B 310 16.20 20.54 -7.54
CA LYS B 310 15.95 20.04 -6.19
C LYS B 310 17.21 19.93 -5.36
N ILE B 311 17.06 20.24 -4.07
CA ILE B 311 18.07 20.00 -3.07
C ILE B 311 17.43 19.08 -2.04
N VAL B 312 18.05 17.93 -1.78
CA VAL B 312 17.55 17.01 -0.76
C VAL B 312 18.56 16.87 0.39
N ALA B 313 18.10 17.19 1.60
CA ALA B 313 18.93 17.20 2.79
C ALA B 313 18.52 16.10 3.75
N HIS B 314 19.45 15.18 3.99
CA HIS B 314 19.19 14.01 4.83
C HIS B 314 19.72 14.21 6.25
N GLY B 315 19.54 13.21 7.11
CA GLY B 315 19.97 13.28 8.52
C GLY B 315 21.33 12.66 8.81
N TRP B 316 21.64 12.56 10.10
CA TRP B 316 22.90 12.02 10.62
C TRP B 316 22.63 10.66 11.28
N TRP B 317 23.48 9.66 11.00
CA TRP B 317 23.36 8.34 11.64
C TRP B 317 23.94 8.25 13.05
N THR B 318 23.28 7.43 13.86
CA THR B 318 23.82 6.95 15.13
C THR B 318 23.97 5.43 15.07
N LYS B 319 24.72 4.86 16.00
CA LYS B 319 24.80 3.41 16.16
C LYS B 319 24.47 3.04 17.60
N ASP B 320 23.57 2.06 17.78
CA ASP B 320 23.10 1.62 19.09
C ASP B 320 22.63 2.82 19.92
N ARG B 321 21.95 3.75 19.24
CA ARG B 321 21.37 4.95 19.85
C ARG B 321 22.40 5.93 20.45
N LYS B 322 23.67 5.80 20.07
CA LYS B 322 24.71 6.73 20.54
C LYS B 322 25.46 7.35 19.37
N LYS B 323 26.21 8.40 19.66
CA LYS B 323 26.99 9.12 18.66
C LYS B 323 28.08 8.24 18.08
N ILE B 324 28.24 8.28 16.75
CA ILE B 324 29.28 7.51 16.10
C ILE B 324 30.59 8.26 16.25
N SER B 325 31.55 7.62 16.92
CA SER B 325 32.85 8.22 17.24
C SER B 325 33.87 7.14 17.60
N LYS B 326 35.06 7.26 17.03
CA LYS B 326 36.12 6.28 17.27
C LYS B 326 36.69 6.41 18.69
N SER B 327 36.81 7.64 19.16
CA SER B 327 37.37 7.92 20.49
C SER B 327 36.42 7.53 21.62
N LEU B 328 35.11 7.70 21.40
CA LEU B 328 34.11 7.28 22.39
C LEU B 328 33.70 5.79 22.25
N GLY B 329 34.47 5.04 21.48
CA GLY B 329 34.30 3.59 21.40
C GLY B 329 33.09 3.10 20.63
N ASN B 330 32.47 3.95 19.82
CA ASN B 330 31.30 3.56 19.01
C ASN B 330 31.56 3.77 17.51
N VAL B 331 32.24 2.79 16.92
CA VAL B 331 32.62 2.81 15.52
C VAL B 331 31.51 2.17 14.68
N PHE B 332 31.25 2.75 13.51
CA PHE B 332 30.35 2.16 12.54
C PHE B 332 31.06 2.12 11.20
N ASP B 333 31.74 1.01 10.93
CA ASP B 333 32.52 0.81 9.71
C ASP B 333 31.67 0.13 8.65
N PRO B 334 31.30 0.86 7.58
CA PRO B 334 30.39 0.29 6.60
C PRO B 334 30.94 -0.92 5.86
N VAL B 335 32.24 -0.92 5.57
CA VAL B 335 32.83 -2.05 4.85
C VAL B 335 32.81 -3.28 5.74
N GLU B 336 33.07 -3.08 7.04
CA GLU B 336 33.04 -4.19 7.98
C GLU B 336 31.65 -4.82 7.99
N LYS B 337 30.62 -3.99 8.13
CA LYS B 337 29.25 -4.49 8.21
C LYS B 337 28.80 -5.10 6.89
N ALA B 338 29.25 -4.51 5.78
CA ALA B 338 28.96 -5.05 4.45
C ALA B 338 29.60 -6.42 4.22
N GLU B 339 30.82 -6.58 4.71
CA GLU B 339 31.54 -7.85 4.60
C GLU B 339 30.82 -8.95 5.37
N GLU B 340 30.12 -8.59 6.45
CA GLU B 340 29.42 -9.59 7.23
C GLU B 340 28.00 -9.86 6.76
N PHE B 341 27.24 -8.80 6.48
CA PHE B 341 25.82 -8.93 6.20
C PHE B 341 25.51 -8.88 4.70
N GLY B 342 26.45 -8.37 3.91
CA GLY B 342 26.21 -8.17 2.48
C GLY B 342 26.17 -6.68 2.11
N TYR B 343 26.74 -6.38 0.95
CA TYR B 343 26.81 -5.00 0.46
C TYR B 343 25.41 -4.46 0.10
N ASP B 344 24.68 -5.19 -0.74
CA ASP B 344 23.32 -4.79 -1.11
C ASP B 344 22.40 -4.75 0.10
N ALA B 345 22.58 -5.69 1.01
CA ALA B 345 21.75 -5.73 2.22
C ALA B 345 21.99 -4.52 3.11
N LEU B 346 23.25 -4.14 3.31
CA LEU B 346 23.53 -2.95 4.11
C LEU B 346 22.96 -1.69 3.43
N LYS B 347 23.13 -1.59 2.13
CA LYS B 347 22.58 -0.48 1.34
C LYS B 347 21.07 -0.39 1.52
N TYR B 348 20.40 -1.53 1.42
CA TYR B 348 18.96 -1.63 1.65
C TYR B 348 18.60 -1.10 3.04
N PHE B 349 19.29 -1.59 4.06
CA PHE B 349 19.02 -1.14 5.41
C PHE B 349 19.18 0.37 5.55
N LEU B 350 20.25 0.92 4.99
CA LEU B 350 20.53 2.35 5.16
C LEU B 350 19.44 3.22 4.49
N LEU B 351 18.85 2.69 3.42
CA LEU B 351 17.83 3.41 2.66
C LEU B 351 16.42 3.10 3.12
N ARG B 352 16.22 1.98 3.79
CA ARG B 352 14.88 1.56 4.22
C ARG B 352 14.61 1.94 5.67
N GLU B 353 15.62 1.85 6.52
CA GLU B 353 15.44 2.06 7.95
C GLU B 353 14.97 3.48 8.29
N SER B 354 15.44 4.45 7.53
CA SER B 354 15.15 5.84 7.84
C SER B 354 14.88 6.64 6.58
N GLY B 355 14.02 7.64 6.71
CA GLY B 355 13.82 8.63 5.67
C GLY B 355 14.77 9.80 5.85
N PHE B 356 14.70 10.75 4.92
CA PHE B 356 15.57 11.91 4.96
C PHE B 356 15.19 12.89 6.05
N SER B 357 13.98 12.76 6.59
CA SER B 357 13.53 13.55 7.73
C SER B 357 14.17 13.10 9.04
N ASP B 358 14.65 11.87 9.10
CA ASP B 358 15.09 11.28 10.35
C ASP B 358 16.59 11.18 10.43
N ASP B 359 17.06 11.13 11.65
CA ASP B 359 18.41 10.69 11.95
C ASP B 359 18.32 9.21 12.23
N GLY B 360 18.74 8.40 11.26
CA GLY B 360 18.64 6.96 11.38
C GLY B 360 19.53 6.41 12.46
N ASP B 361 19.17 5.23 12.98
CA ASP B 361 19.98 4.51 13.97
C ASP B 361 20.34 3.13 13.45
N TYR B 362 21.62 2.79 13.42
CA TYR B 362 22.05 1.43 13.07
C TYR B 362 22.20 0.57 14.32
N SER B 363 21.72 -0.67 14.24
CA SER B 363 22.10 -1.74 15.16
C SER B 363 22.13 -3.07 14.40
N ASP B 364 22.95 -4.00 14.88
CA ASP B 364 23.02 -5.33 14.28
C ASP B 364 21.69 -6.05 14.38
N LYS B 365 20.99 -5.83 15.49
CA LYS B 365 19.70 -6.45 15.72
C LYS B 365 18.69 -6.06 14.62
N ASN B 366 18.59 -4.76 14.32
CA ASN B 366 17.63 -4.27 13.33
C ASN B 366 18.06 -4.56 11.91
N MET B 367 19.37 -4.59 11.68
CA MET B 367 19.94 -5.01 10.40
C MET B 367 19.52 -6.45 10.07
N ILE B 368 19.73 -7.34 11.03
CA ILE B 368 19.36 -8.75 10.91
C ILE B 368 17.84 -8.91 10.73
N ALA B 369 17.06 -8.16 11.50
CA ALA B 369 15.60 -8.19 11.39
C ALA B 369 15.12 -7.88 9.96
N ARG B 370 15.65 -6.82 9.37
CA ARG B 370 15.26 -6.44 8.00
C ARG B 370 15.80 -7.42 6.94
N LEU B 371 17.03 -7.87 7.13
CA LEU B 371 17.64 -8.85 6.24
C LEU B 371 16.87 -10.18 6.25
N ASN B 372 16.49 -10.65 7.44
CA ASN B 372 15.74 -11.91 7.57
C ASN B 372 14.28 -11.77 7.16
N GLY B 373 13.64 -10.69 7.58
CA GLY B 373 12.20 -10.49 7.39
C GLY B 373 11.79 -10.06 5.99
N GLU B 374 12.55 -9.12 5.43
CA GLU B 374 12.21 -8.53 4.15
C GLU B 374 13.02 -9.12 3.00
N LEU B 375 14.34 -9.13 3.13
CA LEU B 375 15.19 -9.56 2.04
C LEU B 375 15.14 -11.07 1.84
N ALA B 376 15.24 -11.85 2.92
CA ALA B 376 15.16 -13.31 2.83
C ALA B 376 13.72 -13.83 2.76
N ASP B 377 12.92 -13.50 3.78
CA ASP B 377 11.58 -14.09 3.92
C ASP B 377 10.55 -13.59 2.92
N THR B 378 10.66 -12.34 2.47
CA THR B 378 9.70 -11.81 1.53
C THR B 378 10.22 -11.92 0.11
N LEU B 379 11.39 -11.34 -0.17
CA LEU B 379 11.92 -11.31 -1.54
C LEU B 379 12.52 -12.64 -1.98
N GLY B 380 13.55 -13.10 -1.27
CA GLY B 380 14.30 -14.31 -1.67
C GLY B 380 13.45 -15.56 -1.69
N ASN B 381 12.62 -15.71 -0.67
CA ASN B 381 11.71 -16.85 -0.58
C ASN B 381 10.83 -16.92 -1.82
N LEU B 382 10.33 -15.77 -2.26
CA LEU B 382 9.46 -15.69 -3.41
C LEU B 382 10.22 -16.05 -4.69
N VAL B 383 11.45 -15.55 -4.80
CA VAL B 383 12.29 -15.83 -5.96
C VAL B 383 12.58 -17.34 -6.08
N MET B 384 12.83 -17.99 -4.96
CA MET B 384 13.09 -19.44 -4.96
C MET B 384 11.83 -20.23 -5.28
N ARG B 385 10.70 -19.82 -4.73
CA ARG B 385 9.41 -20.47 -5.02
C ARG B 385 9.07 -20.52 -6.51
N CYS B 386 9.11 -19.37 -7.19
CA CYS B 386 8.72 -19.34 -8.60
C CYS B 386 9.76 -19.95 -9.55
N THR B 387 10.96 -20.23 -9.04
CA THR B 387 12.03 -20.83 -9.84
C THR B 387 12.36 -22.28 -9.50
N SER B 388 11.77 -22.82 -8.43
CA SER B 388 12.10 -24.17 -7.98
C SER B 388 11.55 -25.21 -8.95
N ALA B 389 12.31 -26.29 -9.10
CA ALA B 389 11.90 -27.44 -9.91
C ALA B 389 10.59 -28.08 -9.43
N LYS B 390 10.31 -27.95 -8.15
CA LYS B 390 9.10 -28.53 -7.55
C LYS B 390 7.81 -27.88 -8.05
N ILE B 391 7.89 -26.60 -8.43
CA ILE B 391 6.71 -25.81 -8.76
C ILE B 391 6.70 -25.42 -10.24
N ASN B 392 7.82 -24.88 -10.71
CA ASN B 392 8.05 -24.58 -12.11
C ASN B 392 8.73 -25.79 -12.71
N VAL B 393 7.94 -26.82 -13.01
CA VAL B 393 8.49 -28.12 -13.42
C VAL B 393 9.25 -28.06 -14.74
N ASN B 394 8.80 -27.26 -15.70
CA ASN B 394 9.49 -27.14 -17.00
C ASN B 394 10.58 -26.08 -17.08
N GLY B 395 10.89 -25.40 -15.98
CA GLY B 395 11.92 -24.36 -15.96
C GLY B 395 11.73 -23.29 -17.04
N GLU B 396 10.58 -22.62 -17.02
CA GLU B 396 10.26 -21.62 -18.03
C GLU B 396 9.16 -20.67 -17.57
N TRP B 397 8.93 -19.64 -18.36
CA TRP B 397 7.82 -18.74 -18.18
C TRP B 397 6.64 -19.35 -18.90
N PRO B 398 5.58 -19.73 -18.17
CA PRO B 398 4.48 -20.36 -18.88
C PRO B 398 3.54 -19.35 -19.48
N SER B 399 2.75 -19.84 -20.43
CA SER B 399 1.72 -19.05 -21.05
C SER B 399 0.44 -19.11 -20.21
N PRO B 400 -0.05 -17.95 -19.74
CA PRO B 400 -1.18 -17.94 -18.81
C PRO B 400 -2.48 -18.39 -19.45
N ALA B 401 -3.35 -19.02 -18.66
CA ALA B 401 -4.74 -19.27 -19.09
C ALA B 401 -5.59 -18.07 -18.68
N ALA B 402 -6.92 -18.24 -18.60
CA ALA B 402 -7.79 -17.10 -18.30
C ALA B 402 -7.56 -16.57 -16.87
N TYR B 403 -7.59 -15.25 -16.73
CA TYR B 403 -7.41 -14.62 -15.44
C TYR B 403 -8.69 -14.54 -14.63
N THR B 404 -8.59 -14.78 -13.32
CA THR B 404 -9.71 -14.59 -12.39
C THR B 404 -9.70 -13.15 -11.84
N GLU B 405 -10.72 -12.79 -11.08
CA GLU B 405 -10.73 -11.46 -10.45
C GLU B 405 -9.58 -11.32 -9.49
N GLU B 406 -9.26 -12.39 -8.78
CA GLU B 406 -8.13 -12.36 -7.87
C GLU B 406 -6.83 -12.16 -8.63
N ASP B 407 -6.64 -12.86 -9.74
CA ASP B 407 -5.48 -12.62 -10.62
C ASP B 407 -5.40 -11.15 -11.05
N GLU B 408 -6.52 -10.60 -11.48
CA GLU B 408 -6.59 -9.22 -11.96
C GLU B 408 -6.22 -8.21 -10.88
N SER B 409 -6.59 -8.50 -9.64
CA SER B 409 -6.28 -7.58 -8.55
C SER B 409 -4.79 -7.52 -8.31
N LEU B 410 -4.09 -8.65 -8.45
CA LEU B 410 -2.63 -8.66 -8.28
C LEU B 410 -1.93 -8.00 -9.46
N ILE B 411 -2.38 -8.35 -10.66
CA ILE B 411 -1.90 -7.73 -11.88
C ILE B 411 -2.00 -6.20 -11.81
N GLN B 412 -3.11 -5.69 -11.29
CA GLN B 412 -3.31 -4.25 -11.20
C GLN B 412 -2.26 -3.61 -10.31
N LEU B 413 -1.88 -4.31 -9.23
CA LEU B 413 -0.87 -3.80 -8.33
C LEU B 413 0.47 -3.72 -9.04
N ILE B 414 0.75 -4.72 -9.87
CA ILE B 414 2.03 -4.78 -10.57
C ILE B 414 2.07 -3.71 -11.66
N LYS B 415 0.97 -3.55 -12.40
CA LYS B 415 0.84 -2.45 -13.35
C LYS B 415 1.00 -1.04 -12.74
N ASP B 416 0.43 -0.82 -11.56
CA ASP B 416 0.47 0.48 -10.93
C ASP B 416 1.80 0.80 -10.28
N LEU B 417 2.57 -0.24 -9.93
CA LEU B 417 3.79 -0.04 -9.15
C LEU B 417 4.82 0.91 -9.79
N PRO B 418 5.12 0.73 -11.09
CA PRO B 418 6.14 1.60 -11.68
C PRO B 418 5.82 3.08 -11.57
N GLY B 419 4.59 3.46 -11.87
CA GLY B 419 4.17 4.86 -11.74
C GLY B 419 4.30 5.40 -10.32
N THR B 420 3.91 4.61 -9.34
CA THR B 420 4.03 4.98 -7.94
C THR B 420 5.48 5.12 -7.52
N ALA B 421 6.28 4.13 -7.88
CA ALA B 421 7.68 4.15 -7.53
C ALA B 421 8.41 5.31 -8.18
N ASP B 422 8.07 5.59 -9.44
CA ASP B 422 8.67 6.70 -10.17
C ASP B 422 8.43 8.02 -9.45
N HIS B 423 7.19 8.27 -9.04
CA HIS B 423 6.88 9.46 -8.25
C HIS B 423 7.75 9.56 -6.99
N TYR B 424 7.85 8.47 -6.24
CA TYR B 424 8.65 8.49 -5.02
C TYR B 424 10.13 8.74 -5.34
N TYR B 425 10.67 8.03 -6.31
CA TYR B 425 12.07 8.23 -6.71
C TYR B 425 12.32 9.69 -7.14
N LEU B 426 11.36 10.34 -7.75
CA LEU B 426 11.53 11.73 -8.20
C LEU B 426 11.45 12.80 -7.11
N ILE B 427 10.81 12.50 -5.97
CA ILE B 427 10.65 13.50 -4.90
C ILE B 427 11.95 14.16 -4.46
N PRO B 428 13.00 13.37 -4.17
CA PRO B 428 13.12 11.93 -4.02
C PRO B 428 12.78 11.46 -2.61
N ASP B 429 12.18 10.28 -2.52
CA ASP B 429 11.90 9.63 -1.24
C ASP B 429 12.12 8.14 -1.46
N ILE B 430 13.36 7.71 -1.23
CA ILE B 430 13.77 6.36 -1.57
C ILE B 430 13.14 5.38 -0.61
N GLN B 431 12.97 5.80 0.64
CA GLN B 431 12.35 4.93 1.62
C GLN B 431 10.93 4.52 1.19
N LYS B 432 10.13 5.49 0.75
CA LYS B 432 8.79 5.17 0.26
C LYS B 432 8.82 4.41 -1.07
N ALA B 433 9.80 4.65 -1.92
CA ALA B 433 9.91 3.87 -3.15
C ALA B 433 10.06 2.39 -2.79
N ILE B 434 10.92 2.10 -1.81
CA ILE B 434 11.19 0.73 -1.40
C ILE B 434 9.95 0.10 -0.76
N ILE B 435 9.32 0.84 0.13
CA ILE B 435 8.12 0.35 0.80
C ILE B 435 7.06 0.00 -0.22
N ALA B 436 6.88 0.85 -1.23
CA ALA B 436 5.87 0.58 -2.26
C ALA B 436 6.17 -0.71 -3.02
N VAL B 437 7.43 -0.98 -3.32
CA VAL B 437 7.77 -2.22 -3.99
C VAL B 437 7.50 -3.41 -3.08
N PHE B 438 7.86 -3.28 -1.81
CA PHE B 438 7.67 -4.38 -0.87
C PHE B 438 6.21 -4.63 -0.51
N ASP B 439 5.36 -3.60 -0.58
CA ASP B 439 3.91 -3.81 -0.50
C ASP B 439 3.48 -4.79 -1.62
N VAL B 440 4.01 -4.60 -2.81
CA VAL B 440 3.65 -5.47 -3.94
C VAL B 440 4.25 -6.85 -3.72
N LEU B 441 5.46 -6.93 -3.20
CA LEU B 441 6.06 -8.25 -2.91
C LEU B 441 5.25 -9.03 -1.88
N ARG B 442 4.80 -8.37 -0.82
CA ARG B 442 3.93 -9.01 0.15
C ARG B 442 2.65 -9.52 -0.51
N ALA B 443 2.02 -8.70 -1.35
CA ALA B 443 0.81 -9.13 -2.03
C ALA B 443 1.04 -10.35 -2.93
N ILE B 444 2.17 -10.39 -3.63
CA ILE B 444 2.51 -11.54 -4.46
C ILE B 444 2.66 -12.80 -3.59
N ASN B 445 3.35 -12.68 -2.46
CA ASN B 445 3.46 -13.80 -1.54
C ASN B 445 2.11 -14.31 -1.02
N ALA B 446 1.24 -13.38 -0.62
CA ALA B 446 -0.10 -13.73 -0.14
C ALA B 446 -0.85 -14.51 -1.22
N TYR B 447 -0.81 -14.01 -2.45
CA TYR B 447 -1.40 -14.66 -3.62
C TYR B 447 -0.84 -16.07 -3.80
N VAL B 448 0.47 -16.21 -3.74
CA VAL B 448 1.10 -17.51 -3.85
C VAL B 448 0.62 -18.46 -2.75
N THR B 449 0.58 -17.96 -1.52
CA THR B 449 0.08 -18.75 -0.40
C THR B 449 -1.38 -19.15 -0.59
N ASP B 450 -2.22 -18.26 -1.11
CA ASP B 450 -3.62 -18.60 -1.38
C ASP B 450 -3.78 -19.60 -2.51
N MET B 451 -3.01 -19.46 -3.59
CA MET B 451 -3.14 -20.35 -4.74
C MET B 451 -2.46 -21.71 -4.58
N ALA B 452 -1.53 -21.82 -3.63
CA ALA B 452 -0.78 -23.05 -3.36
C ALA B 452 -0.35 -23.79 -4.65
N PRO B 453 0.56 -23.17 -5.44
CA PRO B 453 0.95 -23.74 -6.74
C PRO B 453 1.64 -25.11 -6.64
N TRP B 454 2.24 -25.41 -5.50
CA TRP B 454 2.81 -26.73 -5.24
C TRP B 454 1.79 -27.87 -5.30
N LYS B 455 0.54 -27.59 -4.94
CA LYS B 455 -0.55 -28.55 -5.11
C LYS B 455 -1.10 -28.55 -6.54
N LEU B 456 -1.11 -27.39 -7.19
CA LEU B 456 -1.62 -27.29 -8.56
C LEU B 456 -0.81 -28.11 -9.58
N VAL B 457 0.47 -28.37 -9.31
CA VAL B 457 1.30 -29.21 -10.19
C VAL B 457 0.62 -30.55 -10.49
N LYS B 458 -0.06 -31.09 -9.48
CA LYS B 458 -0.78 -32.36 -9.61
C LYS B 458 -2.24 -32.14 -9.97
N THR B 459 -2.92 -31.23 -9.28
CA THR B 459 -4.38 -31.11 -9.40
C THR B 459 -4.86 -30.31 -10.62
N ASP B 460 -4.15 -29.26 -11.00
CA ASP B 460 -4.59 -28.41 -12.10
C ASP B 460 -3.41 -27.70 -12.77
N PRO B 461 -2.73 -28.38 -13.69
CA PRO B 461 -1.55 -27.79 -14.36
C PRO B 461 -1.89 -26.54 -15.16
N GLU B 462 -3.07 -26.51 -15.78
CA GLU B 462 -3.50 -25.34 -16.55
C GLU B 462 -3.57 -24.09 -15.65
N ARG B 463 -4.14 -24.23 -14.47
CA ARG B 463 -4.24 -23.12 -13.52
C ARG B 463 -2.85 -22.70 -13.02
N LEU B 464 -1.96 -23.67 -12.87
CA LEU B 464 -0.60 -23.38 -12.44
C LEU B 464 0.08 -22.42 -13.39
N ARG B 465 -0.16 -22.61 -14.69
CA ARG B 465 0.44 -21.76 -15.70
C ARG B 465 0.13 -20.28 -15.45
N THR B 466 -1.10 -20.00 -15.05
CA THR B 466 -1.53 -18.64 -14.82
C THR B 466 -0.89 -18.06 -13.55
N VAL B 467 -0.98 -18.81 -12.47
CA VAL B 467 -0.44 -18.39 -11.17
C VAL B 467 1.06 -18.15 -11.25
N LEU B 468 1.73 -19.03 -11.97
CA LEU B 468 3.17 -18.99 -12.08
C LEU B 468 3.62 -17.84 -12.96
N TYR B 469 2.91 -17.62 -14.07
CA TYR B 469 3.25 -16.51 -14.95
C TYR B 469 3.11 -15.15 -14.27
N ILE B 470 2.06 -14.98 -13.47
CA ILE B 470 1.82 -13.71 -12.78
C ILE B 470 2.88 -13.51 -11.72
N THR B 471 3.22 -14.57 -11.00
CA THR B 471 4.24 -14.49 -9.95
C THR B 471 5.56 -14.06 -10.56
N LEU B 472 5.98 -14.77 -11.61
CA LEU B 472 7.25 -14.44 -12.30
C LEU B 472 7.30 -12.98 -12.74
N GLU B 473 6.21 -12.50 -13.32
CA GLU B 473 6.18 -11.15 -13.84
C GLU B 473 6.18 -10.12 -12.71
N GLY B 474 5.50 -10.43 -11.62
CA GLY B 474 5.56 -9.60 -10.43
C GLY B 474 6.97 -9.50 -9.88
N VAL B 475 7.66 -10.64 -9.85
CA VAL B 475 9.03 -10.65 -9.35
C VAL B 475 9.93 -9.82 -10.25
N ARG B 476 9.73 -9.89 -11.56
CA ARG B 476 10.57 -9.14 -12.47
C ARG B 476 10.38 -7.63 -12.29
N VAL B 477 9.12 -7.18 -12.29
CA VAL B 477 8.85 -5.75 -12.19
C VAL B 477 9.34 -5.17 -10.87
N THR B 478 9.05 -5.85 -9.76
CA THR B 478 9.54 -5.42 -8.46
C THR B 478 11.07 -5.40 -8.42
N THR B 479 11.69 -6.43 -8.99
CA THR B 479 13.15 -6.53 -8.98
C THR B 479 13.75 -5.41 -9.80
N LEU B 480 13.14 -5.11 -10.94
CA LEU B 480 13.55 -4.01 -11.79
C LEU B 480 13.55 -2.69 -11.02
N LEU B 481 12.45 -2.40 -10.33
CA LEU B 481 12.36 -1.15 -9.57
C LEU B 481 13.22 -1.14 -8.31
N LEU B 482 13.66 -2.30 -7.84
CA LEU B 482 14.64 -2.41 -6.77
C LEU B 482 16.09 -2.47 -7.24
N SER B 483 16.32 -2.53 -8.54
CA SER B 483 17.70 -2.71 -8.99
C SER B 483 18.62 -1.53 -8.62
N PRO B 484 18.07 -0.30 -8.48
CA PRO B 484 18.95 0.76 -7.94
C PRO B 484 19.34 0.57 -6.48
N ILE B 485 18.55 -0.20 -5.73
CA ILE B 485 18.77 -0.43 -4.31
C ILE B 485 19.65 -1.65 -4.12
N LEU B 486 19.38 -2.70 -4.88
CA LEU B 486 20.09 -3.96 -4.79
C LEU B 486 20.70 -4.28 -6.16
N PRO B 487 21.70 -3.50 -6.59
CA PRO B 487 22.23 -3.63 -7.95
C PRO B 487 22.88 -4.98 -8.29
N ARG B 488 23.57 -5.62 -7.34
CA ARG B 488 24.16 -6.94 -7.60
C ARG B 488 23.16 -8.07 -7.46
N LYS B 489 22.36 -8.04 -6.39
CA LYS B 489 21.39 -9.11 -6.16
C LYS B 489 20.30 -9.14 -7.24
N SER B 490 19.97 -7.98 -7.79
CA SER B 490 18.98 -7.92 -8.86
C SER B 490 19.48 -8.62 -10.13
N VAL B 491 20.79 -8.55 -10.39
CA VAL B 491 21.37 -9.28 -11.52
C VAL B 491 21.22 -10.79 -11.27
N VAL B 492 21.48 -11.22 -10.03
CA VAL B 492 21.30 -12.63 -9.67
C VAL B 492 19.84 -13.09 -9.90
N ILE B 493 18.90 -12.28 -9.42
CA ILE B 493 17.48 -12.57 -9.57
C ILE B 493 17.11 -12.67 -11.05
N PHE B 494 17.53 -11.68 -11.83
CA PHE B 494 17.24 -11.70 -13.26
C PHE B 494 17.85 -12.94 -13.92
N ASP B 495 19.06 -13.30 -13.52
CA ASP B 495 19.71 -14.50 -14.06
C ASP B 495 18.89 -15.74 -13.75
N MET B 496 18.42 -15.90 -12.51
CA MET B 496 17.58 -17.03 -12.13
C MET B 496 16.30 -17.12 -12.95
N LEU B 497 15.64 -15.98 -13.13
CA LEU B 497 14.39 -15.89 -13.89
C LEU B 497 14.59 -16.04 -15.39
N GLY B 498 15.84 -15.96 -15.83
CA GLY B 498 16.16 -16.01 -17.26
C GLY B 498 15.75 -14.77 -18.02
N VAL B 499 15.65 -13.63 -17.34
CA VAL B 499 15.26 -12.38 -18.01
C VAL B 499 16.37 -11.94 -18.96
N PRO B 500 16.07 -11.83 -20.26
CA PRO B 500 17.08 -11.35 -21.20
C PRO B 500 17.58 -9.94 -20.87
N GLU B 501 18.86 -9.70 -21.15
CA GLU B 501 19.50 -8.40 -20.87
C GLU B 501 18.64 -7.19 -21.25
N VAL B 502 18.08 -7.25 -22.46
CA VAL B 502 17.35 -6.14 -23.03
C VAL B 502 16.11 -5.76 -22.20
N HIS B 503 15.56 -6.71 -21.44
CA HIS B 503 14.38 -6.45 -20.59
C HIS B 503 14.71 -6.11 -19.13
N ARG B 504 15.98 -5.83 -18.82
CA ARG B 504 16.42 -5.52 -17.45
C ARG B 504 16.58 -4.01 -17.22
N LYS B 505 16.30 -3.24 -18.25
CA LYS B 505 16.57 -1.81 -18.29
C LYS B 505 15.50 -1.17 -19.21
N GLY B 506 15.18 0.10 -18.97
CA GLY B 506 14.35 0.89 -19.89
C GLY B 506 12.90 1.02 -19.46
N ILE B 507 12.38 2.24 -19.51
CA ILE B 507 11.00 2.54 -19.10
C ILE B 507 9.97 1.62 -19.76
N GLU B 508 10.18 1.29 -21.02
CA GLU B 508 9.27 0.40 -21.75
C GLU B 508 9.16 -0.98 -21.09
N ASN B 509 10.16 -1.39 -20.32
CA ASN B 509 10.11 -2.67 -19.62
C ASN B 509 9.53 -2.63 -18.20
N PHE B 510 9.07 -1.46 -17.78
CA PHE B 510 8.32 -1.30 -16.53
C PHE B 510 6.95 -1.97 -16.68
N GLU B 511 6.48 -2.10 -17.93
CA GLU B 511 5.15 -2.63 -18.23
C GLU B 511 4.99 -4.13 -17.99
N PHE B 512 3.87 -4.47 -17.35
CA PHE B 512 3.43 -5.85 -17.21
C PHE B 512 3.47 -6.55 -18.56
N GLY B 513 4.06 -7.72 -18.61
CA GLY B 513 4.05 -8.57 -19.79
C GLY B 513 5.19 -8.43 -20.78
N ALA B 514 6.29 -7.78 -20.38
CA ALA B 514 7.41 -7.55 -21.31
C ALA B 514 8.20 -8.81 -21.66
N VAL B 515 8.18 -9.82 -20.79
CA VAL B 515 8.93 -11.05 -21.04
C VAL B 515 7.96 -12.10 -21.53
N PRO B 516 8.22 -12.64 -22.74
CA PRO B 516 7.26 -13.52 -23.37
C PRO B 516 7.28 -14.92 -22.81
N PRO B 517 6.10 -15.56 -22.73
CA PRO B 517 6.01 -16.97 -22.39
C PRO B 517 6.94 -17.80 -23.25
N GLY B 518 7.53 -18.84 -22.66
CA GLY B 518 8.45 -19.71 -23.37
C GLY B 518 9.89 -19.38 -23.05
N THR B 519 10.13 -18.20 -22.46
CA THR B 519 11.45 -17.84 -21.96
C THR B 519 11.91 -18.88 -20.95
N ARG B 520 13.13 -19.38 -21.12
CA ARG B 520 13.69 -20.38 -20.22
C ARG B 520 14.30 -19.72 -18.99
N LEU B 521 14.10 -20.34 -17.84
CA LEU B 521 14.81 -19.95 -16.61
C LEU B 521 16.31 -20.14 -16.78
N GLY B 522 17.07 -19.41 -15.96
CA GLY B 522 18.50 -19.63 -15.86
C GLY B 522 18.77 -20.93 -15.13
N PRO B 523 19.98 -21.49 -15.32
CA PRO B 523 20.31 -22.72 -14.62
C PRO B 523 20.44 -22.48 -13.12
N ALA B 524 20.17 -23.50 -12.31
CA ALA B 524 20.23 -23.37 -10.86
C ALA B 524 21.50 -24.03 -10.34
N VAL B 525 22.22 -23.35 -9.44
CA VAL B 525 23.31 -24.01 -8.70
C VAL B 525 22.71 -24.75 -7.50
N GLU B 526 23.32 -25.88 -7.13
CA GLU B 526 22.80 -26.76 -6.09
C GLU B 526 22.91 -26.11 -4.70
N GLY B 527 21.77 -25.77 -4.10
CA GLY B 527 21.74 -25.21 -2.75
C GLY B 527 22.13 -23.75 -2.64
N GLU B 528 22.11 -23.02 -3.76
CA GLU B 528 22.41 -21.58 -3.74
C GLU B 528 21.30 -20.82 -3.02
N VAL B 529 21.67 -19.75 -2.33
CA VAL B 529 20.71 -18.86 -1.68
C VAL B 529 20.93 -17.43 -2.15
N LEU B 530 19.89 -16.61 -2.03
CA LEU B 530 19.94 -15.23 -2.47
C LEU B 530 20.38 -14.35 -1.31
N PHE B 531 19.68 -14.49 -0.17
CA PHE B 531 20.08 -13.84 1.07
C PHE B 531 20.07 -14.89 2.17
N SER B 532 21.23 -15.11 2.80
CA SER B 532 21.32 -16.04 3.93
C SER B 532 20.73 -15.42 5.18
N LYS B 533 19.82 -16.14 5.83
CA LYS B 533 19.29 -15.69 7.11
C LYS B 533 20.39 -15.84 8.16
N ARG B 534 20.38 -14.99 9.18
CA ARG B 534 21.44 -15.00 10.18
C ARG B 534 20.92 -15.04 11.60
N SER B 535 21.75 -15.55 12.51
CA SER B 535 21.34 -15.91 13.87
C SER B 535 20.56 -14.83 14.62
N THR B 536 19.57 -15.29 15.39
CA THR B 536 18.67 -14.41 16.14
C THR B 536 19.32 -13.79 17.39
C1 GOL C . -4.28 -5.15 12.40
O1 GOL C . -4.84 -3.84 12.31
C2 GOL C . -4.56 -5.84 11.08
O2 GOL C . -3.54 -5.47 10.16
C3 GOL C . -4.62 -7.35 11.19
O3 GOL C . -5.55 -7.79 10.18
C1 GOL D . -44.44 -39.01 -9.29
O1 GOL D . -44.91 -38.67 -7.99
C2 GOL D . -43.08 -38.35 -9.50
O2 GOL D . -43.11 -36.95 -9.22
C3 GOL D . -42.10 -38.99 -8.54
O3 GOL D . -40.81 -38.50 -8.90
C1 GOL E . -46.87 -24.96 5.19
O1 GOL E . -45.75 -24.49 4.45
C2 GOL E . -47.25 -26.36 4.75
O2 GOL E . -46.74 -26.67 3.44
C3 GOL E . -46.70 -27.38 5.74
O3 GOL E . -46.79 -28.71 5.19
C1 GOL F . -33.88 6.36 6.24
O1 GOL F . -34.72 7.45 6.66
C2 GOL F . -34.00 6.17 4.73
O2 GOL F . -33.43 7.29 4.05
C3 GOL F . -33.28 4.92 4.27
O3 GOL F . -33.67 4.62 2.94
C1 GOL G . -26.89 17.53 -6.45
O1 GOL G . -26.89 17.30 -7.87
C2 GOL G . -27.78 18.68 -5.96
O2 GOL G . -28.90 18.15 -5.25
C3 GOL G . -27.01 19.60 -5.00
O3 GOL G . -26.74 18.88 -3.79
C1 GOL H . -24.50 5.60 1.19
O1 GOL H . -25.40 6.69 1.41
C2 GOL H . -25.21 4.51 0.42
O2 GOL H . -25.70 4.99 -0.84
C3 GOL H . -24.27 3.36 0.16
O3 GOL H . -25.08 2.19 0.05
S DMS I . -23.09 -36.60 1.39
O DMS I . -23.97 -35.71 2.18
C1 DMS I . -23.35 -38.23 1.89
C2 DMS I . -23.60 -36.60 -0.24
S DMS J . -17.31 -30.42 1.65
O DMS J . -17.22 -29.56 0.43
C1 DMS J . -18.10 -31.90 1.31
C2 DMS J . -15.75 -30.99 2.08
N MET K . -31.33 -22.65 6.45
CA MET K . -29.91 -23.01 6.19
C MET K . -29.08 -22.60 7.39
O MET K . -27.96 -23.08 7.48
CB MET K . -29.36 -22.30 4.94
CG MET K . -30.15 -22.48 3.65
SD MET K . -29.45 -21.54 2.27
CE MET K . -30.45 -22.06 0.88
OXT MET K . -29.49 -21.79 8.25
C1 GOL L . 30.52 29.68 -16.54
O1 GOL L . 29.60 28.60 -16.76
C2 GOL L . 29.83 30.99 -16.14
O2 GOL L . 30.52 31.60 -15.05
C3 GOL L . 29.82 32.02 -17.26
O3 GOL L . 29.60 33.30 -16.67
C1 GOL M . 9.09 -0.82 10.56
O1 GOL M . 9.26 -2.00 9.76
C2 GOL M . 8.96 0.32 9.58
O2 GOL M . 7.63 0.34 9.07
C3 GOL M . 9.22 1.66 10.20
O3 GOL M . 9.34 2.57 9.10
C1 GOL N . 47.51 26.00 -3.72
O1 GOL N . 47.55 27.42 -3.86
C2 GOL N . 47.02 25.37 -5.01
O2 GOL N . 48.05 25.36 -6.00
C3 GOL N . 46.60 23.93 -4.78
O3 GOL N . 45.73 23.55 -5.84
S DMS O . 33.09 4.63 -9.07
O DMS O . 32.07 4.89 -8.01
C1 DMS O . 34.01 3.24 -8.66
C2 DMS O . 32.33 4.06 -10.51
S DMS P . 32.62 26.82 7.36
O DMS P . 32.58 25.49 6.71
C1 DMS P . 31.20 27.04 8.29
C2 DMS P . 33.80 26.87 8.60
S SO4 Q . 21.67 -1.12 -11.83
O1 SO4 Q . 21.72 -2.58 -11.53
O2 SO4 Q . 22.95 -0.65 -12.43
O3 SO4 Q . 20.60 -0.83 -12.80
O4 SO4 Q . 21.43 -0.35 -10.60
O 2EK R . 37.22 24.98 4.48
C8 2EK R . 36.83 24.30 3.54
N2 2EK R . 37.24 24.56 2.23
C9 2EK R . 38.01 25.66 1.79
C12 2EK R . 38.34 25.91 0.42
C11 2EK R . 39.06 27.05 0.23
S1 2EK R . 39.35 27.85 1.71
C10 2EK R . 38.53 26.66 2.61
N1 2EK R . 36.05 23.23 3.71
C7 2EK R . 35.46 22.91 5.01
C6 2EK R . 34.42 21.83 4.92
C5 2EK R . 33.13 22.32 4.31
N 2EK R . 32.24 21.20 3.96
C4 2EK R . 30.87 21.48 3.65
C2 2EK R . 30.58 21.92 2.27
C1 2EK R . 30.36 21.10 1.14
C3 2EK R . 30.49 23.22 1.93
CL1 2EK R . 30.63 24.59 2.92
S 2EK R . 30.16 23.51 0.27
C 2EK R . 30.13 21.80 0.02
CL 2EK R . 29.79 21.17 -1.55
#